data_3KM8
#
_entry.id   3KM8
#
_cell.length_a   100.337
_cell.length_b   93.616
_cell.length_c   85.416
_cell.angle_alpha   90.00
_cell.angle_beta   97.35
_cell.angle_gamma   90.00
#
_symmetry.space_group_name_H-M   'C 1 2 1'
#
loop_
_entity.id
_entity.type
_entity.pdbx_description
1 polymer 'Adenosine deaminase'
2 non-polymer 9-DEAZAINOSINE
3 non-polymer 'ZINC ION'
4 water water
#
_entity_poly.entity_id   1
_entity_poly.type   'polypeptide(L)'
_entity_poly.pdbx_seq_one_letter_code
;MAQTPAFNKPKVELHVHLDGAIKPETILYFGKKRGIALPADTVEELRNIIGMDKPLSLPGFLAKFDYYMPVIAGCREAIK
RIAYEFVEMKAKEGVVYVEVRYSPHLLANSKVDPMPWNQTEGDVTPDDVVDLVNQGLQEGEQAFGIKVRSILCCMRHQPS
WSLEVLELCKKYNQKTVVAMDLAGDETIEGSSLFPGHVEAYEGAVKNGIHRTVHAGQVGSPEVVREAVDILKTERVGHGE
HTIEDEALYNRLLKENMHFEVCPWSSYLTGAWDPKTTHAVVRFKNDKANYSLNTDDPLIFKSTLDTDYQMTKKDMGFTEE
EFKRLNINAAKSSFLPEEEKKELLERLYREYQ
;
_entity_poly.pdbx_strand_id   A,B
#
loop_
_chem_comp.id
_chem_comp.type
_chem_comp.name
_chem_comp.formula
9DI non-polymer 9-DEAZAINOSINE 'C11 H13 N3 O5'
ZN non-polymer 'ZINC ION' 'Zn 2'
#
# COMPACT_ATOMS: atom_id res chain seq x y z
N THR A 4 12.11 -1.40 12.99
CA THR A 4 11.89 -2.45 11.99
C THR A 4 10.63 -3.24 12.29
N PRO A 5 9.71 -3.32 11.34
CA PRO A 5 8.46 -4.06 11.53
C PRO A 5 8.68 -5.52 11.88
N ALA A 6 8.00 -6.03 12.87
CA ALA A 6 8.20 -7.39 13.28
C ALA A 6 7.99 -8.49 12.21
N PHE A 7 7.10 -8.25 11.26
CA PHE A 7 6.76 -9.22 10.22
C PHE A 7 6.26 -8.47 9.00
N ASN A 8 7.12 -8.27 8.00
CA ASN A 8 6.84 -7.34 6.90
C ASN A 8 6.26 -8.01 5.64
N LYS A 9 5.28 -8.87 5.88
CA LYS A 9 4.69 -9.75 4.88
C LYS A 9 3.18 -9.75 5.14
N PRO A 10 2.41 -10.22 4.16
CA PRO A 10 0.97 -10.06 4.24
C PRO A 10 0.39 -10.75 5.47
N LYS A 11 -0.53 -10.07 6.11
CA LYS A 11 -1.12 -10.55 7.34
C LYS A 11 -2.65 -10.66 7.13
N VAL A 12 -3.31 -11.48 7.95
CA VAL A 12 -4.78 -11.60 7.97
C VAL A 12 -5.27 -11.16 9.34
N GLU A 13 -6.31 -10.32 9.40
CA GLU A 13 -6.84 -9.93 10.71
C GLU A 13 -8.31 -10.30 10.87
N LEU A 14 -8.62 -11.04 11.94
CA LEU A 14 -10.01 -11.47 12.17
C LEU A 14 -10.84 -10.72 13.22
N HIS A 15 -10.16 -10.03 14.12
CA HIS A 15 -10.80 -9.47 15.28
C HIS A 15 -10.41 -8.04 15.49
N VAL A 16 -11.20 -7.12 14.91
CA VAL A 16 -10.93 -5.69 15.10
C VAL A 16 -12.24 -4.93 15.01
N HIS A 17 -12.50 -4.05 15.97
CA HIS A 17 -13.77 -3.32 16.04
C HIS A 17 -13.70 -1.98 15.30
N LEU A 18 -14.59 -1.77 14.33
CA LEU A 18 -14.59 -0.56 13.55
C LEU A 18 -14.68 0.66 14.50
N ASP A 19 -15.55 0.56 15.50
CA ASP A 19 -15.77 1.69 16.39
C ASP A 19 -14.69 1.76 17.44
N GLY A 20 -13.77 0.79 17.43
CA GLY A 20 -12.54 0.87 18.22
C GLY A 20 -11.32 1.19 17.36
N ALA A 21 -11.56 1.65 16.13
CA ALA A 21 -10.46 1.87 15.18
C ALA A 21 -10.68 3.12 14.29
N ILE A 22 -11.04 4.20 14.96
CA ILE A 22 -11.35 5.49 14.33
C ILE A 22 -10.17 6.45 14.58
N LYS A 23 -9.81 7.22 13.56
CA LYS A 23 -8.77 8.25 13.67
C LYS A 23 -9.16 9.31 14.72
N PRO A 24 -8.25 9.65 15.65
CA PRO A 24 -8.65 10.70 16.59
C PRO A 24 -8.99 12.01 15.88
N GLU A 25 -8.30 12.27 14.76
CA GLU A 25 -8.48 13.50 13.98
C GLU A 25 -9.90 13.54 13.45
N THR A 26 -10.46 12.36 13.17
CA THR A 26 -11.79 12.22 12.57
C THR A 26 -12.90 12.32 13.62
N ILE A 27 -12.59 11.89 14.84
CA ILE A 27 -13.49 12.11 15.97
C ILE A 27 -13.56 13.64 16.28
N LEU A 28 -12.42 14.30 16.38
CA LEU A 28 -12.36 15.78 16.59
C LEU A 28 -13.14 16.48 15.48
N TYR A 29 -12.92 16.03 14.24
CA TYR A 29 -13.56 16.66 13.10
C TYR A 29 -15.04 16.62 13.29
N PHE A 30 -15.58 15.46 13.65
CA PHE A 30 -17.03 15.38 13.73
C PHE A 30 -17.61 16.02 14.98
N GLY A 31 -16.90 15.99 16.10
CA GLY A 31 -17.37 16.68 17.30
C GLY A 31 -17.59 18.15 17.02
N LYS A 32 -16.65 18.73 16.29
CA LYS A 32 -16.71 20.13 15.83
C LYS A 32 -17.81 20.40 14.81
N LYS A 33 -17.87 19.65 13.72
CA LYS A 33 -18.91 19.87 12.72
C LYS A 33 -20.29 19.78 13.36
N ARG A 34 -20.52 18.74 14.17
CA ARG A 34 -21.86 18.55 14.74
C ARG A 34 -22.14 19.38 15.99
N GLY A 35 -21.09 19.83 16.69
CA GLY A 35 -21.26 20.51 17.98
C GLY A 35 -21.76 19.58 19.07
N ILE A 36 -21.12 18.42 19.16
CA ILE A 36 -21.41 17.43 20.18
C ILE A 36 -20.13 17.38 21.01
N ALA A 37 -20.26 17.29 22.33
CA ALA A 37 -19.10 17.46 23.23
C ALA A 37 -18.08 16.35 23.08
N LEU A 38 -16.84 16.66 23.38
CA LEU A 38 -15.79 15.65 23.38
C LEU A 38 -15.02 15.95 24.65
N PRO A 39 -14.31 14.95 25.22
CA PRO A 39 -13.63 15.17 26.49
C PRO A 39 -12.29 15.82 26.24
N ALA A 40 -12.02 16.18 24.99
CA ALA A 40 -10.83 16.95 24.65
C ALA A 40 -10.87 17.69 23.31
N ASP A 41 -9.90 18.55 23.07
CA ASP A 41 -10.09 19.51 22.00
C ASP A 41 -8.93 19.53 21.02
N THR A 42 -7.88 18.80 21.36
CA THR A 42 -6.80 18.57 20.43
C THR A 42 -6.62 17.05 20.29
N VAL A 43 -5.99 16.62 19.19
CA VAL A 43 -5.77 15.19 19.01
C VAL A 43 -4.96 14.55 20.14
N GLU A 44 -3.90 15.22 20.61
CA GLU A 44 -3.07 14.63 21.65
C GLU A 44 -3.82 14.42 22.97
N GLU A 45 -4.63 15.38 23.38
CA GLU A 45 -5.31 15.22 24.66
C GLU A 45 -6.41 14.17 24.55
N LEU A 46 -7.01 14.03 23.36
CA LEU A 46 -8.05 13.02 23.10
C LEU A 46 -7.46 11.63 23.24
N ARG A 47 -6.32 11.41 22.60
CA ARG A 47 -5.57 10.19 22.82
C ARG A 47 -5.31 9.88 24.27
N ASN A 48 -4.92 10.88 25.06
CA ASN A 48 -4.55 10.58 26.45
C ASN A 48 -5.77 10.16 27.26
N ILE A 49 -6.91 10.76 26.94
CA ILE A 49 -8.11 10.51 27.71
C ILE A 49 -8.83 9.21 27.27
N ILE A 50 -9.13 9.09 25.98
CA ILE A 50 -9.72 7.87 25.38
C ILE A 50 -8.77 6.66 25.49
N GLY A 51 -7.54 6.88 25.05
CA GLY A 51 -6.48 5.90 25.19
C GLY A 51 -6.16 5.60 26.63
N MET A 52 -5.39 4.53 26.84
CA MET A 52 -5.07 4.08 28.18
C MET A 52 -3.72 3.39 28.06
N ASP A 53 -2.90 3.49 29.09
CA ASP A 53 -1.67 2.67 29.14
C ASP A 53 -1.52 1.87 30.42
N LYS A 54 -2.61 1.82 31.20
CA LYS A 54 -2.70 1.01 32.40
C LYS A 54 -4.02 0.22 32.36
N PRO A 55 -3.99 -1.06 32.79
CA PRO A 55 -5.15 -1.95 32.88
C PRO A 55 -6.34 -1.36 33.66
N LEU A 56 -7.53 -1.50 33.05
CA LEU A 56 -8.82 -1.34 33.71
C LEU A 56 -9.57 -2.68 33.73
N SER A 57 -10.66 -2.75 34.46
CA SER A 57 -11.62 -3.84 34.30
C SER A 57 -12.39 -3.70 32.96
N LEU A 58 -13.15 -4.74 32.61
CA LEU A 58 -13.82 -4.76 31.31
C LEU A 58 -14.91 -3.70 31.20
N PRO A 59 -15.77 -3.56 32.24
CA PRO A 59 -16.74 -2.46 32.18
C PRO A 59 -16.06 -1.07 32.17
N GLY A 60 -14.94 -0.94 32.86
CA GLY A 60 -14.20 0.33 32.89
C GLY A 60 -13.57 0.65 31.53
N PHE A 61 -13.03 -0.36 30.86
CA PHE A 61 -12.61 -0.24 29.45
C PHE A 61 -13.76 0.10 28.48
N LEU A 62 -14.91 -0.58 28.59
CA LEU A 62 -15.98 -0.38 27.62
C LEU A 62 -16.55 1.05 27.71
N ALA A 63 -16.56 1.63 28.91
CA ALA A 63 -16.95 3.04 29.10
C ALA A 63 -16.16 4.05 28.24
N LYS A 64 -14.97 3.70 27.77
CA LYS A 64 -14.20 4.64 26.93
C LYS A 64 -14.94 5.04 25.68
N PHE A 65 -15.69 4.10 25.11
CA PHE A 65 -16.56 4.37 23.94
C PHE A 65 -17.53 5.53 24.13
N ASP A 66 -18.11 5.61 25.33
CA ASP A 66 -18.97 6.74 25.71
C ASP A 66 -18.40 8.12 25.28
N TYR A 67 -17.10 8.28 25.36
CA TYR A 67 -16.45 9.57 25.07
C TYR A 67 -16.73 10.08 23.65
N TYR A 68 -16.71 9.16 22.70
CA TYR A 68 -16.66 9.55 21.29
C TYR A 68 -17.80 8.99 20.43
N MET A 69 -18.39 7.86 20.81
CA MET A 69 -19.45 7.30 19.96
C MET A 69 -20.48 8.37 19.62
N PRO A 70 -20.83 9.26 20.58
CA PRO A 70 -21.91 10.21 20.25
C PRO A 70 -21.65 11.09 19.02
N VAL A 71 -20.38 11.28 18.68
CA VAL A 71 -19.95 12.13 17.59
C VAL A 71 -20.01 11.38 16.23
N ILE A 72 -20.05 10.05 16.26
CA ILE A 72 -20.16 9.25 15.05
C ILE A 72 -21.59 8.77 14.80
N ALA A 73 -22.27 8.36 15.88
CA ALA A 73 -23.61 7.80 15.77
C ALA A 73 -24.56 8.76 15.10
N GLY A 74 -25.40 8.21 14.23
CA GLY A 74 -26.43 9.01 13.61
C GLY A 74 -25.91 10.01 12.58
N CYS A 75 -24.63 9.93 12.19
CA CYS A 75 -24.14 10.85 11.14
C CYS A 75 -23.67 10.06 9.89
N ARG A 76 -24.41 10.14 8.78
CA ARG A 76 -24.11 9.22 7.66
C ARG A 76 -22.71 9.46 7.11
N GLU A 77 -22.33 10.73 6.98
CA GLU A 77 -21.01 11.07 6.42
C GLU A 77 -19.93 10.46 7.32
N ALA A 78 -20.17 10.50 8.61
CA ALA A 78 -19.18 9.99 9.57
C ALA A 78 -19.07 8.45 9.50
N ILE A 79 -20.22 7.78 9.37
CA ILE A 79 -20.20 6.33 9.36
C ILE A 79 -19.46 5.82 8.13
N LYS A 80 -19.81 6.29 6.94
CA LYS A 80 -19.08 5.89 5.70
C LYS A 80 -17.61 6.24 5.84
N ARG A 81 -17.33 7.40 6.41
CA ARG A 81 -15.96 7.86 6.44
C ARG A 81 -15.08 7.04 7.37
N ILE A 82 -15.60 6.64 8.55
CA ILE A 82 -14.73 5.84 9.39
C ILE A 82 -14.45 4.49 8.73
N ALA A 83 -15.38 4.05 7.86
CA ALA A 83 -15.26 2.69 7.28
C ALA A 83 -14.17 2.77 6.17
N TYR A 84 -14.22 3.87 5.43
CA TYR A 84 -13.24 4.12 4.37
C TYR A 84 -11.82 4.22 4.95
N GLU A 85 -11.67 5.02 6.00
CA GLU A 85 -10.36 5.16 6.62
C GLU A 85 -9.92 3.93 7.33
N PHE A 86 -10.87 3.08 7.73
CA PHE A 86 -10.47 1.79 8.27
C PHE A 86 -9.68 0.99 7.26
N VAL A 87 -10.19 0.91 6.03
CA VAL A 87 -9.47 0.19 4.99
C VAL A 87 -8.12 0.87 4.72
N GLU A 88 -8.12 2.21 4.66
CA GLU A 88 -6.88 2.98 4.49
C GLU A 88 -5.79 2.57 5.48
N MET A 89 -6.14 2.45 6.76
CA MET A 89 -5.19 2.07 7.84
C MET A 89 -4.67 0.65 7.66
N LYS A 90 -5.59 -0.30 7.47
CA LYS A 90 -5.18 -1.70 7.41
C LYS A 90 -4.34 -1.95 6.17
N ALA A 91 -4.64 -1.25 5.08
CA ALA A 91 -3.80 -1.34 3.88
C ALA A 91 -2.33 -0.92 4.17
N LYS A 92 -2.14 0.20 4.86
CA LYS A 92 -0.81 0.64 5.36
C LYS A 92 -0.05 -0.38 6.21
N GLU A 93 -0.81 -1.21 6.94
CA GLU A 93 -0.21 -2.16 7.88
C GLU A 93 0.16 -3.48 7.20
N GLY A 94 -0.10 -3.61 5.89
CA GLY A 94 0.24 -4.83 5.16
C GLY A 94 -0.73 -5.98 5.44
N VAL A 95 -2.00 -5.67 5.68
CA VAL A 95 -3.05 -6.66 5.85
C VAL A 95 -3.65 -6.93 4.48
N VAL A 96 -3.74 -8.19 4.03
CA VAL A 96 -4.39 -8.47 2.72
C VAL A 96 -5.87 -8.82 2.80
N TYR A 97 -6.29 -9.28 3.98
CA TYR A 97 -7.70 -9.65 4.23
C TYR A 97 -8.07 -9.30 5.67
N VAL A 98 -9.19 -8.63 5.88
CA VAL A 98 -9.53 -8.28 7.26
C VAL A 98 -11.03 -8.38 7.43
N GLU A 99 -11.44 -8.89 8.58
CA GLU A 99 -12.86 -8.91 8.92
C GLU A 99 -13.06 -7.89 10.02
N VAL A 100 -13.93 -6.91 9.81
CA VAL A 100 -14.04 -5.84 10.82
C VAL A 100 -15.40 -5.85 11.47
N ARG A 101 -15.49 -5.75 12.80
CA ARG A 101 -16.80 -5.94 13.45
C ARG A 101 -17.33 -4.68 14.12
N TYR A 102 -18.65 -4.55 14.18
CA TYR A 102 -19.28 -3.44 14.89
C TYR A 102 -20.74 -3.79 15.23
N SER A 103 -21.34 -2.98 16.11
CA SER A 103 -22.78 -3.03 16.34
C SER A 103 -23.49 -1.98 15.49
N PRO A 104 -24.38 -2.40 14.57
CA PRO A 104 -25.10 -1.40 13.79
C PRO A 104 -26.07 -0.59 14.64
N HIS A 105 -26.65 -1.21 15.69
CA HIS A 105 -27.54 -0.49 16.57
C HIS A 105 -26.81 0.63 17.29
N LEU A 106 -25.55 0.42 17.66
CA LEU A 106 -24.89 1.47 18.39
C LEU A 106 -24.57 2.74 17.58
N LEU A 107 -24.83 2.71 16.27
CA LEU A 107 -24.58 3.89 15.41
C LEU A 107 -25.86 4.41 14.76
N ALA A 108 -27.01 3.83 15.12
CA ALA A 108 -28.27 4.25 14.50
C ALA A 108 -28.94 5.33 15.37
N ASN A 109 -29.85 6.12 14.78
CA ASN A 109 -30.66 7.04 15.58
C ASN A 109 -32.15 6.98 15.24
N SER A 110 -32.57 5.87 14.63
CA SER A 110 -33.95 5.69 14.19
C SER A 110 -34.27 4.20 14.29
N LYS A 111 -35.53 3.88 14.61
CA LYS A 111 -35.98 2.49 14.85
C LYS A 111 -34.99 1.62 15.61
N VAL A 112 -34.58 2.10 16.76
CA VAL A 112 -33.74 1.39 17.66
C VAL A 112 -34.21 1.78 19.05
N ASP A 113 -34.52 0.82 19.86
CA ASP A 113 -35.02 1.11 21.21
C ASP A 113 -34.28 0.17 22.14
N PRO A 114 -33.65 0.69 23.20
CA PRO A 114 -33.50 2.08 23.68
C PRO A 114 -32.54 2.89 22.76
N MET A 115 -32.80 4.18 22.60
CA MET A 115 -32.03 5.03 21.69
C MET A 115 -30.59 5.11 22.23
N PRO A 116 -29.58 4.62 21.49
CA PRO A 116 -28.20 4.79 22.05
C PRO A 116 -27.80 6.26 22.22
N TRP A 117 -26.96 6.52 23.21
CA TRP A 117 -26.28 7.81 23.41
C TRP A 117 -27.19 9.02 23.68
N ASN A 118 -28.39 8.77 24.19
CA ASN A 118 -29.37 9.84 24.38
C ASN A 118 -29.61 10.70 23.15
N GLN A 119 -29.51 10.11 21.95
CA GLN A 119 -29.77 10.85 20.72
C GLN A 119 -31.22 11.30 20.52
N THR A 120 -31.40 12.41 19.79
CA THR A 120 -32.67 12.77 19.16
C THR A 120 -32.95 11.85 17.98
N GLU A 121 -34.17 11.34 17.90
CA GLU A 121 -34.68 10.66 16.71
C GLU A 121 -34.16 11.28 15.41
N GLY A 122 -33.53 10.48 14.56
CA GLY A 122 -33.05 10.96 13.27
C GLY A 122 -33.59 10.05 12.20
N ASP A 123 -32.83 9.86 11.12
CA ASP A 123 -33.27 9.02 10.00
C ASP A 123 -32.35 7.82 9.71
N VAL A 124 -31.38 7.56 10.56
CA VAL A 124 -30.40 6.48 10.35
C VAL A 124 -30.78 5.21 11.13
N THR A 125 -31.45 4.26 10.49
CA THR A 125 -31.81 2.97 11.09
C THR A 125 -30.61 2.02 11.17
N PRO A 126 -30.70 0.94 11.97
CA PRO A 126 -29.65 -0.05 11.90
C PRO A 126 -29.47 -0.65 10.51
N ASP A 127 -30.54 -0.79 9.72
CA ASP A 127 -30.33 -1.27 8.35
C ASP A 127 -29.47 -0.24 7.57
N ASP A 128 -29.74 1.04 7.78
CA ASP A 128 -28.96 2.09 7.08
C ASP A 128 -27.48 2.06 7.45
N VAL A 129 -27.19 1.86 8.73
CA VAL A 129 -25.81 1.79 9.20
C VAL A 129 -25.01 0.72 8.42
N VAL A 130 -25.59 -0.45 8.25
CA VAL A 130 -24.88 -1.54 7.58
C VAL A 130 -24.53 -1.14 6.14
N ASP A 131 -25.52 -0.59 5.46
CA ASP A 131 -25.36 -0.17 4.07
C ASP A 131 -24.32 0.95 3.98
N LEU A 132 -24.35 1.88 4.93
CA LEU A 132 -23.34 2.94 5.01
C LEU A 132 -21.96 2.36 5.20
N VAL A 133 -21.83 1.38 6.10
CA VAL A 133 -20.49 0.83 6.36
C VAL A 133 -20.06 -0.01 5.17
N ASN A 134 -21.00 -0.75 4.57
CA ASN A 134 -20.68 -1.48 3.33
C ASN A 134 -20.09 -0.52 2.26
N GLN A 135 -20.81 0.54 1.97
CA GLN A 135 -20.32 1.60 1.09
C GLN A 135 -18.90 2.10 1.35
N GLY A 136 -18.58 2.47 2.59
CA GLY A 136 -17.23 2.99 2.93
C GLY A 136 -16.16 1.92 2.83
N LEU A 137 -16.50 0.70 3.23
CA LEU A 137 -15.59 -0.41 2.97
C LEU A 137 -15.37 -0.70 1.49
N GLN A 138 -16.42 -0.66 0.66
CA GLN A 138 -16.27 -1.03 -0.75
C GLN A 138 -15.45 0.05 -1.48
N GLU A 139 -15.71 1.31 -1.13
CA GLU A 139 -14.90 2.43 -1.58
C GLU A 139 -13.46 2.29 -1.13
N GLY A 140 -13.25 1.99 0.16
CA GLY A 140 -11.92 1.63 0.66
C GLY A 140 -11.24 0.54 -0.17
N GLU A 141 -11.95 -0.55 -0.46
CA GLU A 141 -11.37 -1.62 -1.29
C GLU A 141 -10.91 -1.16 -2.70
N GLN A 142 -11.78 -0.40 -3.39
CA GLN A 142 -11.51 0.18 -4.71
C GLN A 142 -10.31 1.12 -4.70
N ALA A 143 -10.08 1.75 -3.56
CA ALA A 143 -9.00 2.72 -3.45
C ALA A 143 -7.69 2.08 -3.05
N PHE A 144 -7.73 1.14 -2.11
CA PHE A 144 -6.51 0.58 -1.57
C PHE A 144 -6.22 -0.89 -1.89
N GLY A 145 -7.15 -1.62 -2.50
CA GLY A 145 -6.77 -2.96 -2.99
C GLY A 145 -6.51 -4.05 -1.92
N ILE A 146 -7.16 -3.94 -0.76
CA ILE A 146 -7.22 -5.09 0.14
C ILE A 146 -8.65 -5.57 0.28
N LYS A 147 -8.82 -6.84 0.66
CA LYS A 147 -10.13 -7.40 0.81
C LYS A 147 -10.68 -7.19 2.23
N VAL A 148 -11.87 -6.67 2.34
CA VAL A 148 -12.39 -6.36 3.69
C VAL A 148 -13.82 -6.86 3.81
N ARG A 149 -14.11 -7.61 4.86
CA ARG A 149 -15.49 -8.00 5.09
C ARG A 149 -15.89 -7.54 6.50
N SER A 150 -17.16 -7.70 6.80
CA SER A 150 -17.70 -7.13 8.01
C SER A 150 -18.40 -8.19 8.89
N ILE A 151 -18.45 -7.92 10.21
CA ILE A 151 -19.10 -8.87 11.17
C ILE A 151 -20.06 -8.04 12.01
N LEU A 152 -21.33 -8.47 12.17
CA LEU A 152 -22.26 -7.64 12.95
C LEU A 152 -22.35 -8.13 14.40
N CYS A 153 -22.29 -7.22 15.37
CA CYS A 153 -22.23 -7.65 16.78
C CYS A 153 -23.59 -7.52 17.44
N CYS A 154 -24.09 -8.65 17.98
CA CYS A 154 -24.99 -8.63 19.13
C CYS A 154 -24.26 -8.03 20.32
N MET A 155 -24.98 -7.34 21.20
CA MET A 155 -24.37 -6.78 22.41
C MET A 155 -24.93 -7.51 23.65
N ARG A 156 -24.05 -7.90 24.57
CA ARG A 156 -24.45 -8.83 25.60
C ARG A 156 -25.62 -8.27 26.42
N HIS A 157 -25.61 -6.98 26.67
CA HIS A 157 -26.56 -6.37 27.59
C HIS A 157 -27.91 -6.13 26.91
N GLN A 158 -27.99 -6.32 25.59
CA GLN A 158 -29.20 -5.98 24.84
C GLN A 158 -29.68 -7.10 23.90
N PRO A 159 -30.14 -8.23 24.50
CA PRO A 159 -30.47 -9.41 23.69
C PRO A 159 -31.67 -9.14 22.80
N SER A 160 -32.39 -8.07 23.05
CA SER A 160 -33.58 -7.77 22.23
C SER A 160 -33.23 -7.25 20.81
N TRP A 161 -31.94 -6.96 20.58
CA TRP A 161 -31.51 -6.54 19.25
C TRP A 161 -31.07 -7.75 18.44
N SER A 162 -30.88 -8.89 19.10
CA SER A 162 -30.11 -9.96 18.48
C SER A 162 -30.78 -10.61 17.26
N LEU A 163 -32.11 -10.74 17.29
CA LEU A 163 -32.83 -11.30 16.14
C LEU A 163 -32.65 -10.38 14.93
N GLU A 164 -32.59 -9.08 15.16
CA GLU A 164 -32.45 -8.12 14.07
C GLU A 164 -31.02 -8.12 13.52
N VAL A 165 -30.03 -8.27 14.42
CA VAL A 165 -28.65 -8.47 13.98
C VAL A 165 -28.60 -9.65 13.01
N LEU A 166 -29.28 -10.75 13.37
CA LEU A 166 -29.26 -11.95 12.53
C LEU A 166 -29.90 -11.69 11.15
N GLU A 167 -31.03 -10.99 11.14
CA GLU A 167 -31.72 -10.60 9.87
C GLU A 167 -30.84 -9.72 8.96
N LEU A 168 -30.06 -8.85 9.58
CA LEU A 168 -29.15 -7.98 8.83
C LEU A 168 -28.02 -8.81 8.25
N CYS A 169 -27.52 -9.79 9.01
CA CYS A 169 -26.55 -10.73 8.45
C CYS A 169 -27.07 -11.52 7.25
N LYS A 170 -28.36 -11.90 7.29
CA LYS A 170 -28.96 -12.61 6.18
C LYS A 170 -29.11 -11.71 4.96
N LYS A 171 -29.66 -10.53 5.17
CA LYS A 171 -29.86 -9.54 4.12
C LYS A 171 -28.57 -9.12 3.38
N TYR A 172 -27.47 -8.95 4.11
CA TYR A 172 -26.21 -8.41 3.58
C TYR A 172 -25.10 -9.46 3.44
N ASN A 173 -25.53 -10.70 3.25
CA ASN A 173 -24.68 -11.89 3.31
C ASN A 173 -23.61 -11.84 2.22
N GLN A 174 -22.33 -11.88 2.62
CA GLN A 174 -21.18 -11.68 1.71
C GLN A 174 -21.10 -10.30 1.01
N LYS A 175 -21.89 -9.34 1.48
CA LYS A 175 -21.81 -8.01 0.91
C LYS A 175 -22.20 -6.93 1.89
N THR A 176 -21.39 -6.73 2.92
CA THR A 176 -20.10 -7.34 3.06
C THR A 176 -20.12 -8.32 4.27
N VAL A 177 -21.30 -8.60 4.82
CA VAL A 177 -21.41 -9.19 6.16
C VAL A 177 -21.17 -10.67 6.04
N VAL A 178 -20.09 -11.13 6.64
CA VAL A 178 -19.80 -12.55 6.65
C VAL A 178 -20.12 -13.26 7.97
N ALA A 179 -20.43 -12.55 9.07
CA ALA A 179 -20.68 -13.29 10.31
C ALA A 179 -21.42 -12.48 11.33
N MET A 180 -21.93 -13.16 12.37
CA MET A 180 -22.49 -12.46 13.52
C MET A 180 -21.55 -12.69 14.69
N ASP A 181 -21.47 -11.72 15.59
CA ASP A 181 -20.58 -11.81 16.76
C ASP A 181 -21.39 -11.51 18.02
N LEU A 182 -20.80 -11.75 19.18
CA LEU A 182 -21.47 -11.39 20.44
C LEU A 182 -20.46 -10.68 21.28
N ALA A 183 -20.66 -9.39 21.51
CA ALA A 183 -19.61 -8.58 22.12
C ALA A 183 -20.17 -7.85 23.32
N GLY A 184 -19.34 -7.03 23.92
CA GLY A 184 -19.79 -6.20 25.06
C GLY A 184 -19.42 -6.80 26.42
N ASP A 185 -20.25 -6.58 27.43
CA ASP A 185 -19.76 -6.81 28.81
C ASP A 185 -19.89 -8.29 29.22
N GLU A 186 -18.80 -9.02 29.01
CA GLU A 186 -18.68 -10.40 29.36
C GLU A 186 -19.06 -10.70 30.82
N THR A 187 -18.98 -9.71 31.71
CA THR A 187 -19.21 -9.98 33.13
C THR A 187 -20.68 -9.99 33.51
N ILE A 188 -21.56 -9.70 32.56
CA ILE A 188 -22.98 -9.76 32.79
C ILE A 188 -23.45 -11.21 33.01
N GLU A 189 -23.82 -11.50 34.25
CA GLU A 189 -24.19 -12.85 34.70
C GLU A 189 -25.19 -13.53 33.78
N GLY A 190 -24.85 -14.71 33.28
CA GLY A 190 -25.70 -15.49 32.39
C GLY A 190 -26.04 -14.89 31.03
N SER A 191 -25.29 -13.90 30.55
CA SER A 191 -25.73 -13.20 29.31
C SER A 191 -25.69 -14.12 28.10
N SER A 192 -24.74 -15.05 28.08
CA SER A 192 -24.72 -16.02 26.99
C SER A 192 -26.02 -16.77 26.84
N LEU A 193 -26.80 -16.88 27.92
CA LEU A 193 -28.03 -17.67 27.83
C LEU A 193 -29.30 -16.83 27.74
N PHE A 194 -29.18 -15.50 27.59
CA PHE A 194 -30.38 -14.68 27.42
C PHE A 194 -31.06 -15.19 26.15
N PRO A 195 -32.41 -15.27 26.16
CA PRO A 195 -33.10 -15.90 25.03
C PRO A 195 -32.84 -15.27 23.64
N GLY A 196 -32.89 -13.93 23.51
CA GLY A 196 -32.46 -13.30 22.26
C GLY A 196 -31.13 -13.79 21.71
N HIS A 197 -30.11 -13.88 22.54
CA HIS A 197 -28.81 -14.36 22.06
C HIS A 197 -28.82 -15.82 21.59
N VAL A 198 -29.34 -16.70 22.43
CA VAL A 198 -29.44 -18.11 22.08
C VAL A 198 -30.20 -18.33 20.76
N GLU A 199 -31.36 -17.71 20.67
CA GLU A 199 -32.18 -17.84 19.45
C GLU A 199 -31.58 -17.18 18.19
N ALA A 200 -30.94 -16.02 18.33
CA ALA A 200 -30.14 -15.48 17.20
C ALA A 200 -29.18 -16.54 16.65
N TYR A 201 -28.39 -17.15 17.54
CA TYR A 201 -27.32 -18.10 17.17
C TYR A 201 -27.83 -19.42 16.61
N GLU A 202 -28.95 -19.90 17.18
CA GLU A 202 -29.77 -20.95 16.56
C GLU A 202 -30.24 -20.64 15.13
N GLY A 203 -30.96 -19.52 14.95
CA GLY A 203 -31.26 -19.00 13.59
C GLY A 203 -30.02 -18.92 12.67
N ALA A 204 -28.85 -18.66 13.24
CA ALA A 204 -27.66 -18.54 12.38
C ALA A 204 -27.26 -19.93 11.92
N VAL A 205 -27.22 -20.89 12.86
CA VAL A 205 -26.91 -22.27 12.49
C VAL A 205 -27.89 -22.71 11.40
N LYS A 206 -29.18 -22.52 11.66
CA LYS A 206 -30.21 -22.98 10.71
C LYS A 206 -30.13 -22.31 9.33
N ASN A 207 -29.55 -21.12 9.25
CA ASN A 207 -29.46 -20.42 7.96
C ASN A 207 -28.03 -20.33 7.40
N GLY A 208 -27.10 -21.10 7.95
CA GLY A 208 -25.69 -21.05 7.51
C GLY A 208 -24.96 -19.70 7.63
N ILE A 209 -25.35 -18.91 8.63
CA ILE A 209 -24.68 -17.65 8.99
C ILE A 209 -23.55 -17.93 9.97
N HIS A 210 -22.35 -17.50 9.61
CA HIS A 210 -21.14 -17.74 10.42
C HIS A 210 -21.20 -17.06 11.77
N ARG A 211 -20.44 -17.56 12.74
CA ARG A 211 -20.62 -17.25 14.16
C ARG A 211 -19.30 -17.13 14.87
N THR A 212 -19.13 -16.03 15.60
CA THR A 212 -17.97 -15.86 16.50
C THR A 212 -18.52 -15.25 17.78
N VAL A 213 -17.82 -15.39 18.91
CA VAL A 213 -18.38 -14.95 20.20
C VAL A 213 -17.19 -14.57 21.03
N HIS A 214 -17.26 -13.41 21.70
CA HIS A 214 -16.21 -12.95 22.58
C HIS A 214 -16.42 -13.78 23.86
N ALA A 215 -15.45 -14.56 24.30
CA ALA A 215 -15.64 -15.43 25.49
C ALA A 215 -14.29 -15.80 26.06
N GLY A 216 -14.14 -15.70 27.38
CA GLY A 216 -12.87 -16.07 28.02
C GLY A 216 -11.85 -14.97 27.87
N GLN A 217 -12.33 -13.75 27.69
CA GLN A 217 -11.49 -12.56 27.78
C GLN A 217 -11.24 -12.24 29.26
N VAL A 218 -12.33 -12.10 30.03
CA VAL A 218 -12.28 -11.92 31.49
C VAL A 218 -13.16 -12.96 32.24
N GLY A 219 -14.07 -13.61 31.51
CA GLY A 219 -14.95 -14.59 32.11
C GLY A 219 -14.26 -15.91 32.48
N SER A 220 -15.02 -16.77 33.14
CA SER A 220 -14.59 -18.14 33.41
C SER A 220 -14.60 -18.98 32.14
N PRO A 221 -13.85 -20.10 32.16
CA PRO A 221 -13.89 -21.06 31.07
C PRO A 221 -15.32 -21.43 30.70
N GLU A 222 -16.25 -21.29 31.65
CA GLU A 222 -17.63 -21.66 31.39
C GLU A 222 -18.28 -20.75 30.34
N VAL A 223 -17.80 -19.51 30.22
CA VAL A 223 -18.39 -18.59 29.24
C VAL A 223 -17.96 -19.08 27.83
N VAL A 224 -16.74 -19.59 27.73
CA VAL A 224 -16.25 -20.23 26.49
C VAL A 224 -17.02 -21.50 26.17
N ARG A 225 -17.18 -22.37 27.17
CA ARG A 225 -17.94 -23.58 26.96
C ARG A 225 -19.33 -23.19 26.49
N GLU A 226 -19.91 -22.13 27.03
CA GLU A 226 -21.23 -21.71 26.52
C GLU A 226 -21.26 -21.16 25.09
N ALA A 227 -20.25 -20.37 24.73
CA ALA A 227 -20.05 -19.93 23.32
C ALA A 227 -20.03 -21.13 22.39
N VAL A 228 -19.28 -22.17 22.75
CA VAL A 228 -19.10 -23.33 21.88
C VAL A 228 -20.33 -24.26 21.85
N ASP A 229 -20.84 -24.65 23.01
CA ASP A 229 -21.83 -25.76 23.02
C ASP A 229 -23.27 -25.31 22.91
N ILE A 230 -23.56 -24.08 23.34
CA ILE A 230 -24.92 -23.57 23.26
C ILE A 230 -25.08 -22.62 22.07
N LEU A 231 -24.24 -21.59 22.03
CA LEU A 231 -24.24 -20.66 20.90
C LEU A 231 -23.71 -21.26 19.59
N LYS A 232 -22.91 -22.31 19.66
CA LYS A 232 -22.42 -23.01 18.47
C LYS A 232 -21.39 -22.18 17.67
N THR A 233 -20.60 -21.40 18.39
CA THR A 233 -19.64 -20.55 17.73
C THR A 233 -18.65 -21.34 16.89
N GLU A 234 -18.02 -20.70 15.90
CA GLU A 234 -17.08 -21.38 15.05
C GLU A 234 -15.72 -20.83 15.39
N ARG A 235 -15.69 -19.66 16.03
CA ARG A 235 -14.45 -19.06 16.49
C ARG A 235 -14.75 -18.43 17.83
N VAL A 236 -13.70 -18.28 18.63
CA VAL A 236 -13.82 -17.64 19.94
C VAL A 236 -12.95 -16.41 19.92
N GLY A 237 -13.54 -15.27 20.22
CA GLY A 237 -12.74 -14.08 20.44
C GLY A 237 -11.99 -14.13 21.76
N HIS A 238 -10.67 -13.94 21.71
CA HIS A 238 -9.88 -14.03 22.93
C HIS A 238 -9.65 -15.48 23.37
N GLY A 239 -10.50 -16.01 24.24
CA GLY A 239 -10.39 -17.44 24.64
C GLY A 239 -9.24 -17.82 25.57
N GLU A 240 -8.48 -16.83 26.05
CA GLU A 240 -7.27 -17.10 26.84
C GLU A 240 -7.58 -17.89 28.11
N HIS A 241 -8.74 -17.62 28.71
CA HIS A 241 -9.11 -18.19 30.00
C HIS A 241 -9.69 -19.56 29.79
N THR A 242 -9.58 -20.07 28.57
CA THR A 242 -9.97 -21.45 28.30
C THR A 242 -8.99 -22.42 28.97
N ILE A 243 -7.72 -22.03 29.05
CA ILE A 243 -6.70 -22.93 29.55
C ILE A 243 -6.94 -23.29 31.02
N GLU A 244 -7.49 -22.34 31.79
CA GLU A 244 -7.94 -22.65 33.15
C GLU A 244 -8.78 -23.92 33.27
N ASP A 245 -9.45 -24.35 32.21
CA ASP A 245 -10.13 -25.64 32.26
C ASP A 245 -9.51 -26.63 31.27
N GLU A 246 -8.76 -27.59 31.80
CA GLU A 246 -7.85 -28.41 31.02
C GLU A 246 -8.60 -29.29 30.02
N ALA A 247 -9.68 -29.92 30.48
CA ALA A 247 -10.43 -30.80 29.59
C ALA A 247 -11.02 -30.00 28.44
N LEU A 248 -11.54 -28.81 28.73
CA LEU A 248 -12.14 -28.00 27.69
C LEU A 248 -11.09 -27.49 26.70
N TYR A 249 -9.98 -26.93 27.18
CA TYR A 249 -8.89 -26.57 26.28
C TYR A 249 -8.56 -27.71 25.32
N ASN A 250 -8.48 -28.94 25.85
CA ASN A 250 -8.07 -30.10 25.05
C ASN A 250 -9.12 -30.51 24.04
N ARG A 251 -10.38 -30.49 24.44
CA ARG A 251 -11.44 -30.67 23.47
C ARG A 251 -11.27 -29.66 22.29
N LEU A 252 -11.29 -28.37 22.60
CA LEU A 252 -11.15 -27.35 21.56
C LEU A 252 -9.88 -27.48 20.71
N LEU A 253 -8.73 -27.78 21.33
CA LEU A 253 -7.53 -28.14 20.57
C LEU A 253 -7.83 -29.28 19.60
N LYS A 254 -8.39 -30.38 20.10
CA LYS A 254 -8.71 -31.55 19.28
C LYS A 254 -9.67 -31.17 18.15
N GLU A 255 -10.63 -30.32 18.43
CA GLU A 255 -11.62 -29.97 17.43
C GLU A 255 -11.15 -28.80 16.58
N ASN A 256 -9.94 -28.31 16.84
CA ASN A 256 -9.34 -27.31 15.95
C ASN A 256 -10.09 -25.96 15.98
N MET A 257 -10.63 -25.60 17.15
CA MET A 257 -11.27 -24.30 17.38
C MET A 257 -10.29 -23.19 17.08
N HIS A 258 -10.77 -22.16 16.40
CA HIS A 258 -9.98 -20.92 16.24
C HIS A 258 -10.17 -19.88 17.38
N PHE A 259 -9.05 -19.36 17.90
CA PHE A 259 -9.01 -18.37 18.96
C PHE A 259 -8.51 -17.11 18.29
N GLU A 260 -9.21 -15.99 18.46
CA GLU A 260 -8.83 -14.72 17.83
C GLU A 260 -8.08 -13.99 18.93
N VAL A 261 -6.78 -14.21 19.02
CA VAL A 261 -6.02 -13.68 20.15
C VAL A 261 -5.71 -12.20 19.93
N CYS A 262 -5.85 -11.39 20.98
CA CYS A 262 -5.49 -9.98 20.92
C CYS A 262 -4.54 -9.69 22.08
N PRO A 263 -3.22 -9.86 21.85
CA PRO A 263 -2.27 -9.86 22.95
C PRO A 263 -2.20 -8.53 23.68
N TRP A 264 -1.99 -7.43 22.95
CA TRP A 264 -1.96 -6.10 23.57
C TRP A 264 -3.26 -5.77 24.29
N SER A 265 -4.39 -6.05 23.65
CA SER A 265 -5.70 -5.92 24.28
C SER A 265 -5.69 -6.61 25.65
N SER A 266 -4.99 -7.73 25.71
CA SER A 266 -5.05 -8.60 26.87
C SER A 266 -4.48 -7.95 28.13
N TYR A 267 -3.37 -7.25 27.99
CA TYR A 267 -2.80 -6.59 29.14
C TYR A 267 -3.73 -5.46 29.64
N LEU A 268 -4.20 -4.64 28.71
CA LEU A 268 -4.97 -3.44 29.04
C LEU A 268 -6.38 -3.68 29.56
N THR A 269 -7.03 -4.77 29.20
CA THR A 269 -8.33 -5.05 29.84
C THR A 269 -8.20 -5.85 31.14
N GLY A 270 -6.95 -6.03 31.59
CA GLY A 270 -6.65 -6.87 32.75
C GLY A 270 -7.14 -8.30 32.61
N ALA A 271 -7.18 -8.80 31.37
CA ALA A 271 -7.54 -10.21 31.11
C ALA A 271 -6.36 -11.15 31.35
N TRP A 272 -5.15 -10.62 31.13
CA TRP A 272 -3.87 -11.29 31.39
C TRP A 272 -3.07 -10.61 32.50
N ASP A 273 -2.63 -11.41 33.47
CA ASP A 273 -1.64 -11.03 34.49
C ASP A 273 -0.20 -11.02 33.95
N PRO A 274 0.41 -9.82 33.85
CA PRO A 274 1.73 -9.67 33.22
C PRO A 274 2.82 -10.57 33.83
N LYS A 275 2.58 -11.08 35.02
CA LYS A 275 3.50 -12.03 35.66
C LYS A 275 2.93 -13.44 35.71
N THR A 276 2.11 -13.80 34.71
CA THR A 276 1.96 -15.21 34.30
C THR A 276 2.36 -15.34 32.84
N THR A 277 2.33 -16.56 32.32
CA THR A 277 2.61 -16.79 30.90
C THR A 277 1.38 -16.40 30.12
N HIS A 278 1.52 -15.47 29.16
CA HIS A 278 0.40 -15.23 28.26
C HIS A 278 -0.08 -16.55 27.65
N ALA A 279 -1.38 -16.80 27.76
CA ALA A 279 -1.97 -17.95 27.12
C ALA A 279 -1.53 -18.13 25.66
N VAL A 280 -1.15 -17.06 24.98
CA VAL A 280 -0.71 -17.23 23.59
C VAL A 280 0.57 -18.05 23.44
N VAL A 281 1.43 -18.04 24.46
CA VAL A 281 2.62 -18.90 24.47
C VAL A 281 2.22 -20.37 24.46
N ARG A 282 1.21 -20.71 25.26
CA ARG A 282 0.74 -22.07 25.31
C ARG A 282 0.13 -22.47 23.96
N PHE A 283 -0.61 -21.55 23.33
CA PHE A 283 -1.23 -21.81 22.03
C PHE A 283 -0.17 -22.12 20.96
N LYS A 284 0.94 -21.41 21.03
CA LYS A 284 1.99 -21.58 20.06
C LYS A 284 2.73 -22.92 20.25
N ASN A 285 3.07 -23.23 21.51
CA ASN A 285 3.69 -24.51 21.84
C ASN A 285 2.76 -25.68 21.54
N ASP A 286 1.45 -25.51 21.72
CA ASP A 286 0.50 -26.57 21.36
C ASP A 286 0.11 -26.62 19.87
N LYS A 287 0.69 -25.72 19.06
CA LYS A 287 0.25 -25.54 17.65
C LYS A 287 -1.27 -25.39 17.56
N ALA A 288 -1.84 -24.59 18.44
CA ALA A 288 -3.23 -24.23 18.29
C ALA A 288 -3.49 -23.44 17.00
N ASN A 289 -4.77 -23.35 16.69
CA ASN A 289 -5.31 -22.60 15.58
C ASN A 289 -5.74 -21.21 16.10
N TYR A 290 -4.87 -20.21 15.94
CA TYR A 290 -5.21 -18.86 16.43
C TYR A 290 -4.62 -17.78 15.50
N SER A 291 -5.13 -16.56 15.61
CA SER A 291 -4.69 -15.41 14.80
C SER A 291 -4.25 -14.31 15.78
N LEU A 292 -3.53 -13.33 15.27
CA LEU A 292 -3.15 -12.16 16.05
C LEU A 292 -3.92 -10.95 15.54
N ASN A 293 -4.48 -10.19 16.45
CA ASN A 293 -5.44 -9.15 16.16
C ASN A 293 -5.23 -7.91 17.06
N THR A 294 -5.53 -6.75 16.53
CA THR A 294 -5.47 -5.51 17.25
C THR A 294 -6.88 -5.52 17.67
N ASP A 295 -7.26 -5.01 18.76
CA ASP A 295 -8.71 -5.33 18.96
C ASP A 295 -9.56 -4.05 18.81
N ASP A 296 -9.12 -3.10 19.54
CA ASP A 296 -9.49 -1.69 19.51
C ASP A 296 -8.22 -0.80 19.40
N PRO A 297 -7.60 -0.75 18.22
CA PRO A 297 -6.32 0.00 18.13
C PRO A 297 -6.43 1.49 18.53
N LEU A 298 -7.61 2.09 18.40
CA LEU A 298 -7.72 3.51 18.79
C LEU A 298 -7.50 3.61 20.29
N ILE A 299 -8.21 2.80 21.07
CA ILE A 299 -8.14 2.89 22.51
C ILE A 299 -6.80 2.41 23.09
N PHE A 300 -6.24 1.35 22.49
CA PHE A 300 -4.98 0.80 22.94
C PHE A 300 -3.79 1.52 22.33
N LYS A 301 -4.04 2.50 21.49
CA LYS A 301 -2.98 3.30 20.88
C LYS A 301 -1.95 2.49 20.09
N SER A 302 -2.41 1.65 19.17
CA SER A 302 -1.58 0.60 18.61
C SER A 302 -1.86 0.40 17.14
N THR A 303 -1.04 -0.44 16.53
CA THR A 303 -1.25 -0.92 15.17
C THR A 303 -1.01 -2.44 15.25
N LEU A 304 -1.18 -3.16 14.15
CA LEU A 304 -0.99 -4.60 14.15
C LEU A 304 0.45 -4.96 14.52
N ASP A 305 1.39 -4.15 14.07
CA ASP A 305 2.80 -4.34 14.45
C ASP A 305 3.01 -4.29 15.96
N THR A 306 2.24 -3.48 16.68
CA THR A 306 2.27 -3.52 18.13
C THR A 306 2.16 -4.94 18.67
N ASP A 307 1.15 -5.68 18.20
CA ASP A 307 0.94 -7.03 18.73
C ASP A 307 2.00 -7.98 18.18
N TYR A 308 2.37 -7.77 16.92
CA TYR A 308 3.43 -8.61 16.39
C TYR A 308 4.75 -8.36 17.10
N GLN A 309 5.11 -7.09 17.36
CA GLN A 309 6.28 -6.77 18.24
C GLN A 309 6.21 -7.37 19.65
N MET A 310 5.06 -7.28 20.29
CA MET A 310 4.92 -7.80 21.64
C MET A 310 5.30 -9.28 21.62
N THR A 311 4.80 -10.02 20.63
CA THR A 311 4.97 -11.48 20.67
C THR A 311 6.39 -11.90 20.24
N LYS A 312 7.00 -11.15 19.33
CA LYS A 312 8.39 -11.36 18.96
C LYS A 312 9.36 -10.99 20.07
N LYS A 313 9.29 -9.75 20.56
CA LYS A 313 10.15 -9.26 21.63
C LYS A 313 10.03 -10.08 22.93
N ASP A 314 8.79 -10.30 23.39
CA ASP A 314 8.53 -10.82 24.75
C ASP A 314 8.23 -12.32 24.82
N MET A 315 8.01 -12.94 23.68
CA MET A 315 7.56 -14.33 23.70
C MET A 315 8.32 -15.20 22.70
N GLY A 316 9.30 -14.58 22.04
CA GLY A 316 10.08 -15.24 20.98
C GLY A 316 9.27 -15.86 19.85
N PHE A 317 8.34 -15.11 19.25
CA PHE A 317 7.64 -15.61 18.07
C PHE A 317 8.55 -15.48 16.84
N THR A 318 8.61 -16.53 16.03
CA THR A 318 9.50 -16.55 14.86
C THR A 318 8.73 -16.14 13.63
N GLU A 319 9.45 -15.87 12.55
CA GLU A 319 8.84 -15.62 11.27
C GLU A 319 7.97 -16.79 10.82
N GLU A 320 8.47 -17.99 11.09
CA GLU A 320 7.72 -19.19 10.78
C GLU A 320 6.40 -19.32 11.56
N GLU A 321 6.38 -18.92 12.83
CA GLU A 321 5.13 -19.04 13.57
C GLU A 321 4.15 -17.98 13.08
N PHE A 322 4.69 -16.83 12.71
CA PHE A 322 3.89 -15.74 12.13
C PHE A 322 3.21 -16.17 10.83
N LYS A 323 3.94 -16.87 9.97
CA LYS A 323 3.37 -17.36 8.71
C LYS A 323 2.28 -18.43 9.01
N ARG A 324 2.52 -19.23 10.03
CA ARG A 324 1.66 -20.34 10.34
C ARG A 324 0.31 -19.87 10.84
N LEU A 325 0.32 -18.89 11.72
CA LEU A 325 -0.92 -18.46 12.28
C LEU A 325 -1.73 -17.62 11.30
N ASN A 326 -1.07 -16.94 10.37
CA ASN A 326 -1.80 -16.28 9.32
C ASN A 326 -2.42 -17.25 8.31
N ILE A 327 -1.71 -18.34 8.01
CA ILE A 327 -2.27 -19.43 7.21
C ILE A 327 -3.52 -20.03 7.93
N ASN A 328 -3.40 -20.23 9.24
CA ASN A 328 -4.57 -20.61 10.08
C ASN A 328 -5.69 -19.58 10.14
N ALA A 329 -5.32 -18.30 10.19
CA ALA A 329 -6.33 -17.24 10.12
C ALA A 329 -7.04 -17.24 8.79
N ALA A 330 -6.29 -17.36 7.68
CA ALA A 330 -6.97 -17.54 6.39
C ALA A 330 -7.93 -18.77 6.39
N LYS A 331 -7.45 -19.91 6.84
CA LYS A 331 -8.27 -21.14 6.83
C LYS A 331 -9.55 -20.92 7.65
N SER A 332 -9.46 -20.14 8.72
CA SER A 332 -10.62 -19.93 9.59
C SER A 332 -11.46 -18.70 9.24
N SER A 333 -11.12 -18.00 8.15
CA SER A 333 -11.86 -16.79 7.76
C SER A 333 -13.27 -17.25 7.42
N PHE A 334 -14.19 -16.31 7.39
CA PHE A 334 -15.52 -16.57 6.95
C PHE A 334 -15.76 -16.31 5.46
N LEU A 335 -14.74 -16.44 4.62
CA LEU A 335 -14.94 -16.27 3.17
C LEU A 335 -15.66 -17.49 2.55
N PRO A 336 -16.45 -17.30 1.47
CA PRO A 336 -16.87 -18.50 0.69
C PRO A 336 -15.65 -19.27 0.23
N GLU A 337 -15.87 -20.54 -0.09
CA GLU A 337 -14.77 -21.46 -0.40
C GLU A 337 -13.77 -20.95 -1.49
N GLU A 338 -14.29 -20.43 -2.61
CA GLU A 338 -13.40 -19.98 -3.67
C GLU A 338 -12.57 -18.76 -3.28
N GLU A 339 -13.14 -17.84 -2.49
CA GLU A 339 -12.33 -16.71 -2.03
C GLU A 339 -11.30 -17.14 -0.99
N LYS A 340 -11.66 -18.13 -0.20
CA LYS A 340 -10.76 -18.60 0.82
C LYS A 340 -9.57 -19.30 0.16
N LYS A 341 -9.82 -20.06 -0.90
CA LYS A 341 -8.73 -20.68 -1.64
C LYS A 341 -7.80 -19.62 -2.27
N GLU A 342 -8.41 -18.56 -2.81
CA GLU A 342 -7.67 -17.45 -3.42
C GLU A 342 -6.76 -16.78 -2.40
N LEU A 343 -7.26 -16.55 -1.21
CA LEU A 343 -6.46 -15.98 -0.15
C LEU A 343 -5.30 -16.89 0.24
N LEU A 344 -5.57 -18.16 0.41
CA LEU A 344 -4.52 -19.13 0.69
C LEU A 344 -3.48 -19.20 -0.42
N GLU A 345 -3.91 -19.18 -1.67
CA GLU A 345 -2.95 -19.12 -2.75
C GLU A 345 -2.03 -17.88 -2.63
N ARG A 346 -2.60 -16.73 -2.30
CA ARG A 346 -1.81 -15.51 -2.17
C ARG A 346 -0.78 -15.59 -1.03
N LEU A 347 -1.25 -16.04 0.13
CA LEU A 347 -0.34 -16.15 1.27
C LEU A 347 0.81 -17.07 0.92
N TYR A 348 0.53 -18.27 0.41
CA TYR A 348 1.66 -19.13 0.05
C TYR A 348 2.60 -18.47 -0.99
N ARG A 349 2.04 -17.83 -2.01
CA ARG A 349 2.94 -17.22 -2.99
C ARG A 349 3.88 -16.21 -2.32
N GLU A 350 3.32 -15.41 -1.43
CA GLU A 350 4.02 -14.29 -0.79
C GLU A 350 4.99 -14.78 0.28
N TYR A 351 4.75 -15.98 0.80
CA TYR A 351 5.60 -16.52 1.83
C TYR A 351 6.78 -17.37 1.32
N GLN A 352 6.84 -17.62 0.01
CA GLN A 352 7.96 -18.41 -0.56
C GLN A 352 9.35 -17.85 -0.24
N THR B 4 38.64 13.10 -19.56
CA THR B 4 38.62 11.80 -20.31
C THR B 4 37.43 10.86 -19.99
N PRO B 5 36.59 10.56 -20.99
CA PRO B 5 35.35 9.79 -20.84
C PRO B 5 35.54 8.33 -20.40
N ALA B 6 34.63 7.81 -19.59
CA ALA B 6 34.84 6.48 -19.06
C ALA B 6 34.63 5.39 -20.09
N PHE B 7 33.68 5.62 -21.00
CA PHE B 7 33.25 4.65 -22.03
C PHE B 7 32.83 5.42 -23.29
N ASN B 8 33.83 5.69 -24.13
CA ASN B 8 33.64 6.51 -25.31
C ASN B 8 33.14 5.72 -26.53
N LYS B 9 32.09 4.92 -26.33
CA LYS B 9 31.45 4.17 -27.41
C LYS B 9 29.94 4.30 -27.24
N PRO B 10 29.16 3.88 -28.25
CA PRO B 10 27.71 4.03 -28.26
C PRO B 10 27.06 3.40 -27.02
N LYS B 11 25.96 3.98 -26.54
CA LYS B 11 25.28 3.45 -25.37
C LYS B 11 23.79 3.43 -25.54
N VAL B 12 23.13 2.72 -24.65
CA VAL B 12 21.67 2.60 -24.69
C VAL B 12 21.27 3.00 -23.27
N GLU B 13 20.27 3.86 -23.14
CA GLU B 13 19.84 4.29 -21.85
C GLU B 13 18.36 3.95 -21.72
N LEU B 14 17.99 3.21 -20.68
CA LEU B 14 16.57 2.84 -20.57
C LEU B 14 15.78 3.60 -19.50
N HIS B 15 16.47 4.24 -18.58
CA HIS B 15 15.79 4.88 -17.45
C HIS B 15 16.22 6.33 -17.25
N VAL B 16 15.44 7.25 -17.80
CA VAL B 16 15.71 8.66 -17.61
C VAL B 16 14.43 9.40 -17.79
N HIS B 17 14.17 10.28 -16.84
CA HIS B 17 12.97 11.10 -16.83
C HIS B 17 13.11 12.43 -17.60
N LEU B 18 12.18 12.65 -18.52
CA LEU B 18 12.22 13.87 -19.32
C LEU B 18 12.16 15.13 -18.43
N ASP B 19 11.19 15.13 -17.52
CA ASP B 19 11.03 16.24 -16.61
C ASP B 19 12.14 16.27 -15.59
N GLY B 20 13.00 15.25 -15.56
CA GLY B 20 14.22 15.34 -14.75
C GLY B 20 15.50 15.64 -15.53
N ALA B 21 15.33 16.04 -16.79
CA ALA B 21 16.45 16.18 -17.72
C ALA B 21 16.20 17.44 -18.63
N ILE B 22 15.83 18.53 -17.99
CA ILE B 22 15.58 19.77 -18.72
C ILE B 22 16.80 20.68 -18.53
N LYS B 23 17.22 21.43 -19.54
CA LYS B 23 18.29 22.45 -19.25
C LYS B 23 17.86 23.54 -18.25
N PRO B 24 18.76 23.87 -17.31
CA PRO B 24 18.50 24.97 -16.42
C PRO B 24 18.32 26.33 -17.15
N GLU B 25 19.05 26.54 -18.26
CA GLU B 25 18.86 27.70 -19.15
C GLU B 25 17.43 27.75 -19.73
N THR B 26 16.88 26.58 -20.07
CA THR B 26 15.57 26.54 -20.69
C THR B 26 14.45 26.80 -19.67
N ILE B 27 14.67 26.36 -18.43
CA ILE B 27 13.76 26.62 -17.29
C ILE B 27 13.71 28.14 -16.99
N LEU B 28 14.91 28.73 -16.94
CA LEU B 28 15.07 30.15 -16.65
C LEU B 28 14.41 30.96 -17.78
N TYR B 29 14.61 30.53 -19.04
CA TYR B 29 14.02 31.21 -20.19
C TYR B 29 12.51 31.17 -20.09
N PHE B 30 11.96 30.01 -19.76
CA PHE B 30 10.49 29.93 -19.74
C PHE B 30 9.92 30.62 -18.53
N GLY B 31 10.63 30.63 -17.41
CA GLY B 31 10.12 31.31 -16.21
C GLY B 31 9.98 32.82 -16.48
N LYS B 32 11.02 33.41 -17.10
CA LYS B 32 11.02 34.81 -17.60
C LYS B 32 9.91 35.07 -18.63
N LYS B 33 9.87 34.25 -19.66
CA LYS B 33 8.87 34.42 -20.67
C LYS B 33 7.41 34.24 -20.17
N ARG B 34 7.14 33.35 -19.24
CA ARG B 34 5.72 33.22 -18.83
C ARG B 34 5.41 34.11 -17.63
N GLY B 35 6.44 34.62 -16.95
CA GLY B 35 6.26 35.36 -15.70
C GLY B 35 5.88 34.48 -14.50
N ILE B 36 6.46 33.29 -14.45
CA ILE B 36 6.26 32.41 -13.32
C ILE B 36 7.53 32.41 -12.50
N ALA B 37 7.41 32.39 -11.19
CA ALA B 37 8.55 32.56 -10.31
C ALA B 37 9.46 31.32 -10.34
N LEU B 38 10.76 31.54 -10.19
CA LEU B 38 11.70 30.44 -9.99
C LEU B 38 12.42 30.78 -8.71
N PRO B 39 13.08 29.76 -8.05
CA PRO B 39 13.70 30.06 -6.78
C PRO B 39 15.06 30.71 -6.99
N ALA B 40 15.40 30.95 -8.25
CA ALA B 40 16.63 31.66 -8.57
C ALA B 40 16.54 32.33 -9.93
N ASP B 41 17.52 33.18 -10.21
CA ASP B 41 17.41 34.07 -11.36
C ASP B 41 18.63 34.00 -12.28
N THR B 42 19.61 33.22 -11.85
CA THR B 42 20.75 32.85 -12.67
C THR B 42 20.82 31.32 -12.73
N VAL B 43 21.46 30.77 -13.78
CA VAL B 43 21.51 29.33 -13.91
C VAL B 43 22.35 28.69 -12.83
N GLU B 44 23.40 29.38 -12.40
CA GLU B 44 24.19 28.88 -11.29
C GLU B 44 23.41 28.67 -9.97
N GLU B 45 22.70 29.69 -9.51
CA GLU B 45 21.91 29.56 -8.28
C GLU B 45 20.74 28.57 -8.52
N LEU B 46 20.23 28.51 -9.75
CA LEU B 46 19.14 27.59 -10.08
C LEU B 46 19.60 26.14 -9.99
N ARG B 47 20.79 25.85 -10.51
CA ARG B 47 21.47 24.58 -10.25
C ARG B 47 21.70 24.31 -8.76
N ASN B 48 22.17 25.31 -8.00
CA ASN B 48 22.40 25.06 -6.57
C ASN B 48 21.09 24.74 -5.84
N ILE B 49 19.98 25.32 -6.28
CA ILE B 49 18.75 25.11 -5.51
C ILE B 49 18.02 23.84 -5.90
N ILE B 50 17.93 23.57 -7.19
CA ILE B 50 17.21 22.42 -7.71
C ILE B 50 18.05 21.18 -7.55
N GLY B 51 19.36 21.40 -7.65
CA GLY B 51 20.32 20.31 -7.68
C GLY B 51 20.68 19.85 -6.29
N MET B 52 21.57 18.87 -6.21
CA MET B 52 21.62 18.02 -5.06
C MET B 52 23.07 17.57 -4.91
N ASP B 53 23.63 17.76 -3.72
CA ASP B 53 25.02 17.43 -3.41
C ASP B 53 25.11 16.28 -2.40
N LYS B 54 24.12 16.23 -1.52
CA LYS B 54 24.13 15.38 -0.35
C LYS B 54 22.83 14.56 -0.45
N PRO B 55 22.84 13.30 0.03
CA PRO B 55 21.61 12.50 -0.02
C PRO B 55 20.43 13.15 0.73
N LEU B 56 19.24 13.09 0.13
CA LEU B 56 17.97 13.35 0.81
C LEU B 56 17.12 12.08 0.78
N SER B 57 16.00 12.09 1.46
CA SER B 57 15.01 11.03 1.29
C SER B 57 14.38 11.06 -0.11
N LEU B 58 13.61 10.02 -0.44
CA LEU B 58 12.91 10.02 -1.72
C LEU B 58 11.86 11.12 -1.78
N PRO B 59 11.01 11.25 -0.74
CA PRO B 59 10.04 12.34 -0.85
C PRO B 59 10.72 13.73 -0.86
N GLY B 60 11.85 13.88 -0.16
CA GLY B 60 12.64 15.13 -0.21
C GLY B 60 13.21 15.44 -1.60
N PHE B 61 13.73 14.42 -2.27
CA PHE B 61 14.18 14.50 -3.64
C PHE B 61 13.04 14.88 -4.62
N LEU B 62 11.88 14.25 -4.47
CA LEU B 62 10.75 14.44 -5.36
C LEU B 62 10.22 15.86 -5.27
N ALA B 63 10.31 16.46 -4.09
CA ALA B 63 9.92 17.84 -3.91
C ALA B 63 10.75 18.83 -4.79
N LYS B 64 11.90 18.41 -5.32
CA LYS B 64 12.72 19.37 -6.09
C LYS B 64 11.99 19.80 -7.37
N PHE B 65 11.15 18.90 -7.87
CA PHE B 65 10.43 19.11 -9.09
C PHE B 65 9.51 20.32 -8.90
N ASP B 66 8.98 20.52 -7.70
CA ASP B 66 8.02 21.66 -7.56
C ASP B 66 8.69 23.01 -7.91
N TYR B 67 10.01 23.11 -7.83
CA TYR B 67 10.70 24.41 -8.14
C TYR B 67 10.40 24.92 -9.57
N TYR B 68 10.36 24.00 -10.52
CA TYR B 68 10.45 24.32 -11.94
C TYR B 68 9.34 23.74 -12.82
N MET B 69 8.69 22.65 -12.39
CA MET B 69 7.62 22.12 -13.21
C MET B 69 6.61 23.21 -13.56
N PRO B 70 6.33 24.14 -12.66
CA PRO B 70 5.29 25.11 -13.06
C PRO B 70 5.60 25.96 -14.31
N VAL B 71 6.88 26.20 -14.59
CA VAL B 71 7.24 27.01 -15.76
C VAL B 71 7.20 26.13 -17.04
N ILE B 72 7.22 24.80 -16.89
CA ILE B 72 7.08 23.94 -18.07
C ILE B 72 5.63 23.52 -18.31
N ALA B 73 4.97 23.07 -17.23
CA ALA B 73 3.64 22.53 -17.35
C ALA B 73 2.68 23.53 -17.97
N GLY B 74 1.83 23.02 -18.86
CA GLY B 74 0.79 23.81 -19.49
C GLY B 74 1.23 24.72 -20.63
N CYS B 75 2.49 24.58 -21.04
CA CYS B 75 3.07 25.45 -22.10
C CYS B 75 3.55 24.63 -23.33
N ARG B 76 2.80 24.73 -24.42
CA ARG B 76 3.00 23.81 -25.54
C ARG B 76 4.42 23.93 -26.11
N GLU B 77 4.87 25.17 -26.30
CA GLU B 77 6.19 25.44 -26.83
C GLU B 77 7.21 24.83 -25.86
N ALA B 78 6.99 24.95 -24.55
CA ALA B 78 8.00 24.42 -23.61
C ALA B 78 8.05 22.87 -23.61
N ILE B 79 6.90 22.24 -23.76
CA ILE B 79 6.86 20.80 -23.64
C ILE B 79 7.58 20.24 -24.87
N LYS B 80 7.27 20.77 -26.04
CA LYS B 80 7.98 20.30 -27.23
C LYS B 80 9.51 20.59 -27.18
N ARG B 81 9.90 21.77 -26.65
CA ARG B 81 11.34 22.15 -26.54
C ARG B 81 12.12 21.22 -25.66
N ILE B 82 11.59 20.93 -24.48
CA ILE B 82 12.39 20.11 -23.55
C ILE B 82 12.65 18.72 -24.15
N ALA B 83 11.74 18.23 -24.98
CA ALA B 83 11.90 16.92 -25.66
C ALA B 83 12.97 16.97 -26.75
N TYR B 84 12.85 17.97 -27.61
CA TYR B 84 13.86 18.18 -28.66
C TYR B 84 15.29 18.30 -28.04
N GLU B 85 15.39 19.16 -27.03
CA GLU B 85 16.66 19.37 -26.32
C GLU B 85 17.11 18.12 -25.60
N PHE B 86 16.16 17.29 -25.16
CA PHE B 86 16.54 16.01 -24.60
C PHE B 86 17.31 15.16 -25.58
N VAL B 87 16.82 15.02 -26.79
CA VAL B 87 17.49 14.21 -27.81
C VAL B 87 18.91 14.74 -28.05
N GLU B 88 19.02 16.07 -28.18
CA GLU B 88 20.32 16.72 -28.29
C GLU B 88 21.36 16.27 -27.24
N MET B 89 21.01 16.46 -25.95
CA MET B 89 21.89 16.09 -24.83
C MET B 89 22.28 14.60 -24.94
N LYS B 90 21.33 13.70 -25.17
CA LYS B 90 21.69 12.28 -25.25
C LYS B 90 22.59 11.94 -26.49
N ALA B 91 22.23 12.46 -27.66
CA ALA B 91 23.12 12.36 -28.83
C ALA B 91 24.55 12.75 -28.43
N LYS B 92 24.70 13.94 -27.81
CA LYS B 92 26.02 14.42 -27.35
C LYS B 92 26.74 13.50 -26.38
N GLU B 93 25.97 12.71 -25.65
CA GLU B 93 26.58 11.82 -24.66
C GLU B 93 27.01 10.49 -25.30
N GLY B 94 26.77 10.36 -26.61
CA GLY B 94 27.04 9.13 -27.37
C GLY B 94 26.02 8.01 -27.19
N VAL B 95 24.83 8.36 -26.69
CA VAL B 95 23.66 7.48 -26.66
C VAL B 95 23.11 7.35 -28.06
N VAL B 96 22.94 6.11 -28.50
CA VAL B 96 22.39 5.87 -29.82
C VAL B 96 20.93 5.40 -29.76
N TYR B 97 20.52 4.87 -28.61
CA TYR B 97 19.07 4.63 -28.36
C TYR B 97 18.69 4.96 -26.92
N VAL B 98 17.61 5.66 -26.70
CA VAL B 98 17.22 5.93 -25.31
C VAL B 98 15.69 5.86 -25.22
N GLU B 99 15.17 5.22 -24.20
CA GLU B 99 13.74 5.39 -23.88
C GLU B 99 13.59 6.47 -22.80
N VAL B 100 12.74 7.45 -23.04
CA VAL B 100 12.59 8.50 -22.05
C VAL B 100 11.20 8.52 -21.44
N ARG B 101 11.12 8.76 -20.13
CA ARG B 101 9.84 8.57 -19.44
C ARG B 101 9.39 9.85 -18.81
N TYR B 102 8.07 10.01 -18.69
CA TYR B 102 7.52 11.13 -17.95
C TYR B 102 6.06 10.81 -17.64
N SER B 103 5.42 11.68 -16.86
CA SER B 103 3.97 11.65 -16.68
C SER B 103 3.27 12.70 -17.56
N PRO B 104 2.35 12.24 -18.43
CA PRO B 104 1.74 13.31 -19.25
C PRO B 104 0.79 14.15 -18.42
N HIS B 105 0.20 13.55 -17.37
CA HIS B 105 -0.65 14.33 -16.48
C HIS B 105 0.07 15.50 -15.83
N LEU B 106 1.31 15.31 -15.40
CA LEU B 106 1.99 16.34 -14.61
C LEU B 106 2.38 17.60 -15.42
N LEU B 107 2.31 17.51 -16.76
CA LEU B 107 2.60 18.66 -17.63
C LEU B 107 1.33 19.19 -18.32
N ALA B 108 0.17 18.62 -17.98
CA ALA B 108 -1.11 19.03 -18.57
C ALA B 108 -1.73 20.17 -17.75
N ASN B 109 -2.63 20.94 -18.35
CA ASN B 109 -3.41 21.90 -17.54
C ASN B 109 -4.90 21.88 -17.84
N SER B 110 -5.37 20.80 -18.44
CA SER B 110 -6.77 20.71 -18.84
C SER B 110 -7.21 19.24 -18.84
N LYS B 111 -8.47 18.97 -18.46
CA LYS B 111 -8.96 17.58 -18.31
C LYS B 111 -8.04 16.68 -17.49
N VAL B 112 -7.57 17.19 -16.36
CA VAL B 112 -6.78 16.44 -15.42
C VAL B 112 -7.18 16.88 -14.00
N ASP B 113 -7.51 15.91 -13.15
CA ASP B 113 -7.93 16.24 -11.78
C ASP B 113 -7.21 15.29 -10.83
N PRO B 114 -6.64 15.81 -9.74
CA PRO B 114 -6.43 17.18 -9.32
C PRO B 114 -5.49 17.91 -10.27
N MET B 115 -5.77 19.18 -10.56
CA MET B 115 -4.98 20.02 -11.48
C MET B 115 -3.55 20.15 -10.89
N PRO B 116 -2.51 19.72 -11.63
CA PRO B 116 -1.14 19.76 -11.09
C PRO B 116 -0.67 21.22 -10.92
N TRP B 117 0.24 21.45 -9.97
CA TRP B 117 0.93 22.74 -9.83
C TRP B 117 0.05 23.99 -9.60
N ASN B 118 -1.14 23.84 -9.05
CA ASN B 118 -2.07 24.96 -8.93
C ASN B 118 -2.31 25.79 -10.20
N GLN B 119 -2.22 25.18 -11.38
CA GLN B 119 -2.38 25.93 -12.63
C GLN B 119 -3.82 26.37 -12.80
N THR B 120 -4.05 27.45 -13.53
CA THR B 120 -5.40 27.73 -14.02
C THR B 120 -5.71 26.85 -15.23
N GLU B 121 -6.98 26.47 -15.39
CA GLU B 121 -7.40 25.60 -16.47
C GLU B 121 -7.04 26.17 -17.85
N GLY B 122 -6.38 25.36 -18.67
CA GLY B 122 -5.95 25.81 -19.97
C GLY B 122 -6.53 24.93 -21.03
N ASP B 123 -5.73 24.66 -22.04
CA ASP B 123 -6.17 23.80 -23.14
C ASP B 123 -5.22 22.66 -23.49
N VAL B 124 -4.20 22.44 -22.66
CA VAL B 124 -3.29 21.31 -22.85
C VAL B 124 -3.73 20.07 -22.06
N THR B 125 -4.35 19.09 -22.72
CA THR B 125 -4.70 17.83 -22.06
C THR B 125 -3.52 16.83 -21.94
N PRO B 126 -3.69 15.77 -21.13
CA PRO B 126 -2.62 14.79 -21.07
C PRO B 126 -2.33 14.21 -22.46
N ASP B 127 -3.37 14.07 -23.29
CA ASP B 127 -3.23 13.54 -24.64
C ASP B 127 -2.43 14.55 -25.48
N ASP B 128 -2.72 15.85 -25.31
CA ASP B 128 -1.92 16.87 -26.04
C ASP B 128 -0.47 16.77 -25.65
N VAL B 129 -0.19 16.46 -24.39
CA VAL B 129 1.17 16.38 -23.90
C VAL B 129 1.96 15.31 -24.62
N VAL B 130 1.36 14.12 -24.78
CA VAL B 130 2.06 12.99 -25.38
C VAL B 130 2.42 13.35 -26.84
N ASP B 131 1.45 13.89 -27.58
CA ASP B 131 1.66 14.38 -28.93
C ASP B 131 2.78 15.44 -29.06
N LEU B 132 2.81 16.40 -28.13
CA LEU B 132 3.81 17.45 -28.12
C LEU B 132 5.19 16.86 -27.86
N VAL B 133 5.26 15.90 -26.94
CA VAL B 133 6.54 15.30 -26.64
C VAL B 133 6.97 14.45 -27.81
N ASN B 134 6.00 13.77 -28.46
CA ASN B 134 6.28 12.91 -29.62
C ASN B 134 6.92 13.80 -30.71
N GLN B 135 6.27 14.93 -30.99
CA GLN B 135 6.82 15.87 -31.97
C GLN B 135 8.25 16.31 -31.69
N GLY B 136 8.51 16.82 -30.48
CA GLY B 136 9.86 17.24 -30.11
C GLY B 136 10.89 16.14 -30.23
N LEU B 137 10.51 14.93 -29.84
CA LEU B 137 11.39 13.76 -29.95
C LEU B 137 11.66 13.40 -31.42
N GLN B 138 10.62 13.39 -32.26
CA GLN B 138 10.78 13.02 -33.67
C GLN B 138 11.69 13.99 -34.46
N GLU B 139 11.52 15.27 -34.17
CA GLU B 139 12.36 16.32 -34.69
C GLU B 139 13.78 16.27 -34.14
N GLY B 140 13.94 15.85 -32.89
CA GLY B 140 15.29 15.67 -32.35
C GLY B 140 15.97 14.49 -33.03
N GLU B 141 15.20 13.43 -33.25
CA GLU B 141 15.73 12.23 -33.91
C GLU B 141 16.29 12.57 -35.30
N GLN B 142 15.47 13.27 -36.09
CA GLN B 142 15.86 13.79 -37.38
C GLN B 142 17.11 14.65 -37.27
N ALA B 143 17.04 15.65 -36.39
CA ALA B 143 18.12 16.61 -36.22
C ALA B 143 19.46 16.00 -35.79
N PHE B 144 19.45 14.97 -34.94
CA PHE B 144 20.68 14.53 -34.26
C PHE B 144 21.07 13.12 -34.58
N GLY B 145 20.24 12.45 -35.37
CA GLY B 145 20.53 11.09 -35.84
C GLY B 145 20.71 10.01 -34.78
N ILE B 146 19.90 10.05 -33.72
CA ILE B 146 19.76 8.88 -32.82
C ILE B 146 18.30 8.48 -32.70
N LYS B 147 18.05 7.31 -32.11
CA LYS B 147 16.69 6.77 -32.00
C LYS B 147 16.13 7.01 -30.58
N VAL B 148 14.93 7.55 -30.46
CA VAL B 148 14.40 7.88 -29.15
C VAL B 148 12.95 7.43 -29.03
N ARG B 149 12.60 6.68 -27.99
CA ARG B 149 11.20 6.31 -27.76
C ARG B 149 10.78 6.78 -26.40
N SER B 150 9.48 6.79 -26.15
CA SER B 150 8.96 7.25 -24.89
C SER B 150 8.22 6.20 -24.02
N ILE B 151 8.13 6.49 -22.72
CA ILE B 151 7.50 5.62 -21.73
C ILE B 151 6.63 6.52 -20.86
N LEU B 152 5.36 6.16 -20.67
CA LEU B 152 4.46 7.05 -19.92
C LEU B 152 4.31 6.56 -18.47
N CYS B 153 4.40 7.46 -17.49
CA CYS B 153 4.39 6.99 -16.10
C CYS B 153 3.04 7.20 -15.47
N CYS B 154 2.52 6.12 -14.90
CA CYS B 154 1.59 6.21 -13.76
C CYS B 154 2.30 6.78 -12.53
N MET B 155 1.57 7.44 -11.65
CA MET B 155 2.20 8.01 -10.45
C MET B 155 1.64 7.31 -9.21
N ARG B 156 2.49 6.94 -8.27
CA ARG B 156 2.09 6.00 -7.21
C ARG B 156 0.92 6.56 -6.39
N HIS B 157 0.93 7.88 -6.16
CA HIS B 157 -0.08 8.53 -5.31
C HIS B 157 -1.42 8.79 -6.01
N GLN B 158 -1.48 8.49 -7.30
CA GLN B 158 -2.58 8.92 -8.11
C GLN B 158 -3.09 7.81 -9.08
N PRO B 159 -3.55 6.67 -8.51
CA PRO B 159 -4.05 5.57 -9.35
C PRO B 159 -5.24 5.93 -10.25
N SER B 160 -5.96 6.99 -9.93
CA SER B 160 -7.08 7.40 -10.80
C SER B 160 -6.62 7.86 -12.20
N TRP B 161 -5.32 8.12 -12.37
CA TRP B 161 -4.83 8.46 -13.71
C TRP B 161 -4.39 7.23 -14.49
N SER B 162 -4.17 6.10 -13.80
CA SER B 162 -3.48 4.96 -14.46
C SER B 162 -4.11 4.34 -15.70
N LEU B 163 -5.43 4.20 -15.68
CA LEU B 163 -6.12 3.59 -16.80
C LEU B 163 -6.03 4.51 -18.02
N GLU B 164 -5.97 5.81 -17.75
CA GLU B 164 -5.78 6.79 -18.84
C GLU B 164 -4.36 6.74 -19.41
N VAL B 165 -3.36 6.56 -18.53
CA VAL B 165 -2.00 6.28 -18.95
C VAL B 165 -1.94 5.08 -19.90
N LEU B 166 -2.68 4.03 -19.55
CA LEU B 166 -2.69 2.86 -20.40
C LEU B 166 -3.35 3.18 -21.75
N GLU B 167 -4.48 3.88 -21.75
CA GLU B 167 -5.11 4.22 -23.03
C GLU B 167 -4.16 5.07 -23.90
N LEU B 168 -3.36 5.92 -23.26
CA LEU B 168 -2.38 6.76 -23.98
C LEU B 168 -1.32 5.89 -24.61
N CYS B 169 -0.79 4.95 -23.84
CA CYS B 169 0.16 3.97 -24.36
C CYS B 169 -0.41 3.18 -25.56
N LYS B 170 -1.69 2.82 -25.52
CA LYS B 170 -2.34 2.16 -26.66
C LYS B 170 -2.44 3.05 -27.88
N LYS B 171 -2.92 4.27 -27.69
CA LYS B 171 -3.13 5.20 -28.80
C LYS B 171 -1.82 5.60 -29.52
N TYR B 172 -0.75 5.79 -28.77
CA TYR B 172 0.53 6.25 -29.33
C TYR B 172 1.60 5.15 -29.40
N ASN B 173 1.13 3.93 -29.63
CA ASN B 173 1.92 2.72 -29.59
C ASN B 173 3.02 2.66 -30.66
N GLN B 174 4.27 2.60 -30.21
CA GLN B 174 5.49 2.77 -31.04
C GLN B 174 5.61 4.13 -31.76
N LYS B 175 4.76 5.08 -31.41
CA LYS B 175 4.87 6.41 -32.01
C LYS B 175 4.53 7.52 -31.02
N THR B 176 5.35 7.75 -30.00
CA THR B 176 6.64 7.11 -29.78
C THR B 176 6.66 6.12 -28.60
N VAL B 177 5.50 5.82 -28.03
CA VAL B 177 5.35 5.31 -26.65
C VAL B 177 5.54 3.81 -26.68
N VAL B 178 6.55 3.30 -26.00
CA VAL B 178 6.81 1.88 -26.07
C VAL B 178 6.44 1.12 -24.80
N ALA B 179 6.07 1.80 -23.71
CA ALA B 179 5.72 1.08 -22.44
C ALA B 179 4.99 1.99 -21.46
N MET B 180 4.47 1.42 -20.36
CA MET B 180 4.00 2.18 -19.19
C MET B 180 4.92 1.88 -18.03
N ASP B 181 5.10 2.83 -17.12
CA ASP B 181 5.96 2.75 -15.93
C ASP B 181 5.08 3.13 -14.74
N LEU B 182 5.60 2.95 -13.53
CA LEU B 182 4.91 3.34 -12.33
C LEU B 182 5.97 4.03 -11.51
N ALA B 183 5.80 5.33 -11.29
CA ALA B 183 6.85 6.14 -10.73
C ALA B 183 6.24 6.89 -9.57
N GLY B 184 7.08 7.71 -8.95
CA GLY B 184 6.67 8.53 -7.81
C GLY B 184 7.19 7.97 -6.49
N ASP B 185 6.44 8.22 -5.43
CA ASP B 185 6.92 8.00 -4.07
C ASP B 185 6.71 6.55 -3.64
N GLU B 186 7.79 5.78 -3.67
CA GLU B 186 7.67 4.38 -3.41
C GLU B 186 7.50 4.08 -1.93
N THR B 187 7.57 5.12 -1.10
CA THR B 187 7.38 4.98 0.36
C THR B 187 5.92 5.04 0.74
N ILE B 188 5.03 5.20 -0.24
CA ILE B 188 3.60 5.11 0.02
C ILE B 188 3.23 3.63 0.23
N GLU B 189 3.02 3.23 1.47
CA GLU B 189 2.78 1.79 1.80
C GLU B 189 1.67 1.15 0.95
N GLY B 190 1.90 0.00 0.33
CA GLY B 190 0.86 -0.68 -0.47
C GLY B 190 0.43 -0.02 -1.80
N SER B 191 1.13 1.03 -2.23
CA SER B 191 0.65 1.73 -3.44
C SER B 191 0.74 0.84 -4.67
N SER B 192 1.69 -0.08 -4.71
CA SER B 192 1.65 -1.12 -5.78
C SER B 192 0.31 -1.88 -5.92
N LEU B 193 -0.50 -1.91 -4.86
CA LEU B 193 -1.75 -2.67 -4.84
C LEU B 193 -2.97 -1.85 -5.20
N PHE B 194 -2.84 -0.52 -5.29
CA PHE B 194 -4.03 0.30 -5.56
C PHE B 194 -4.70 -0.19 -6.85
N PRO B 195 -6.01 -0.45 -6.83
CA PRO B 195 -6.63 -1.05 -8.04
C PRO B 195 -6.39 -0.30 -9.36
N GLY B 196 -6.35 1.04 -9.34
CA GLY B 196 -6.11 1.79 -10.55
C GLY B 196 -4.82 1.31 -11.20
N HIS B 197 -3.77 1.17 -10.41
CA HIS B 197 -2.52 0.65 -10.92
C HIS B 197 -2.61 -0.83 -11.37
N VAL B 198 -3.12 -1.66 -10.48
CA VAL B 198 -3.20 -3.08 -10.80
C VAL B 198 -3.96 -3.28 -12.11
N GLU B 199 -5.09 -2.61 -12.25
CA GLU B 199 -5.95 -2.86 -13.42
C GLU B 199 -5.27 -2.30 -14.67
N ALA B 200 -4.56 -1.18 -14.51
CA ALA B 200 -3.78 -0.62 -15.62
C ALA B 200 -2.81 -1.67 -16.18
N TYR B 201 -2.05 -2.33 -15.30
CA TYR B 201 -1.04 -3.31 -15.68
C TYR B 201 -1.63 -4.62 -16.22
N GLU B 202 -2.71 -5.06 -15.60
CA GLU B 202 -3.57 -6.11 -16.17
C GLU B 202 -4.08 -5.77 -17.58
N GLY B 203 -4.51 -4.53 -17.79
CA GLY B 203 -4.86 -4.07 -19.15
C GLY B 203 -3.66 -4.09 -20.10
N ALA B 204 -2.47 -3.78 -19.57
CA ALA B 204 -1.27 -3.77 -20.43
C ALA B 204 -0.92 -5.19 -20.85
N VAL B 205 -1.08 -6.14 -19.93
CA VAL B 205 -0.82 -7.53 -20.28
C VAL B 205 -1.77 -7.98 -21.39
N LYS B 206 -3.07 -7.69 -21.26
CA LYS B 206 -4.07 -8.21 -22.20
C LYS B 206 -3.86 -7.60 -23.58
N ASN B 207 -3.25 -6.43 -23.61
CA ASN B 207 -3.10 -5.69 -24.83
C ASN B 207 -1.68 -5.64 -25.35
N GLY B 208 -0.78 -6.43 -24.78
CA GLY B 208 0.59 -6.41 -25.27
C GLY B 208 1.27 -5.04 -25.16
N ILE B 209 0.89 -4.21 -24.18
CA ILE B 209 1.64 -2.99 -23.88
C ILE B 209 2.74 -3.30 -22.88
N HIS B 210 3.97 -2.95 -23.20
CA HIS B 210 5.15 -3.21 -22.34
C HIS B 210 5.13 -2.51 -20.98
N ARG B 211 5.82 -3.09 -20.01
CA ARG B 211 5.63 -2.67 -18.62
C ARG B 211 6.96 -2.53 -17.93
N THR B 212 7.20 -1.43 -17.22
CA THR B 212 8.38 -1.38 -16.31
C THR B 212 7.82 -0.74 -15.03
N VAL B 213 8.49 -0.90 -13.89
CA VAL B 213 7.98 -0.39 -12.60
C VAL B 213 9.19 -0.02 -11.77
N HIS B 214 9.21 1.17 -11.17
CA HIS B 214 10.26 1.56 -10.22
C HIS B 214 9.92 0.77 -8.97
N ALA B 215 10.88 0.03 -8.41
CA ALA B 215 10.59 -0.85 -7.29
C ALA B 215 11.94 -1.31 -6.77
N GLY B 216 12.13 -1.18 -5.46
CA GLY B 216 13.39 -1.56 -4.85
C GLY B 216 14.38 -0.44 -4.94
N GLN B 217 13.89 0.79 -5.08
CA GLN B 217 14.81 1.93 -5.07
C GLN B 217 15.08 2.30 -3.62
N VAL B 218 14.04 2.70 -2.90
CA VAL B 218 14.16 2.86 -1.46
C VAL B 218 13.29 1.83 -0.68
N GLY B 219 12.34 1.19 -1.39
CA GLY B 219 11.44 0.18 -0.77
C GLY B 219 12.04 -1.20 -0.47
N SER B 220 11.24 -2.05 0.19
CA SER B 220 11.71 -3.39 0.56
C SER B 220 11.62 -4.36 -0.62
N PRO B 221 12.20 -5.57 -0.47
CA PRO B 221 12.04 -6.53 -1.56
C PRO B 221 10.57 -6.78 -1.88
N GLU B 222 9.68 -6.48 -0.94
CA GLU B 222 8.25 -6.69 -1.14
C GLU B 222 7.69 -5.88 -2.31
N VAL B 223 8.25 -4.67 -2.50
CA VAL B 223 7.74 -3.77 -3.53
C VAL B 223 8.15 -4.35 -4.90
N VAL B 224 9.33 -4.97 -4.96
CA VAL B 224 9.79 -5.70 -6.16
C VAL B 224 8.97 -6.97 -6.42
N ARG B 225 8.66 -7.72 -5.36
CA ARG B 225 7.80 -8.90 -5.49
C ARG B 225 6.46 -8.50 -6.08
N GLU B 226 5.86 -7.41 -5.62
CA GLU B 226 4.55 -7.03 -6.17
C GLU B 226 4.62 -6.54 -7.62
N ALA B 227 5.74 -5.90 -7.97
CA ALA B 227 5.97 -5.40 -9.33
C ALA B 227 5.94 -6.56 -10.31
N VAL B 228 6.62 -7.63 -9.89
CA VAL B 228 6.76 -8.85 -10.66
C VAL B 228 5.48 -9.71 -10.63
N ASP B 229 4.96 -10.01 -9.44
CA ASP B 229 3.86 -10.99 -9.27
C ASP B 229 2.51 -10.37 -9.56
N ILE B 230 2.31 -9.11 -9.15
CA ILE B 230 0.98 -8.52 -9.24
C ILE B 230 0.87 -7.68 -10.52
N LEU B 231 1.90 -6.85 -10.74
CA LEU B 231 1.89 -5.85 -11.81
C LEU B 231 2.42 -6.46 -13.10
N LYS B 232 3.07 -7.63 -12.97
CA LYS B 232 3.58 -8.43 -14.07
C LYS B 232 4.65 -7.69 -14.91
N THR B 233 5.60 -7.03 -14.23
CA THR B 233 6.43 -6.05 -14.93
C THR B 233 7.41 -6.79 -15.82
N GLU B 234 7.99 -6.15 -16.83
CA GLU B 234 8.95 -6.84 -17.66
C GLU B 234 10.35 -6.41 -17.34
N ARG B 235 10.47 -5.25 -16.72
CA ARG B 235 11.76 -4.77 -16.21
C ARG B 235 11.47 -4.04 -14.90
N VAL B 236 12.52 -3.89 -14.10
CA VAL B 236 12.47 -3.26 -12.80
C VAL B 236 13.35 -2.03 -12.83
N GLY B 237 12.79 -0.88 -12.49
CA GLY B 237 13.61 0.32 -12.28
C GLY B 237 14.28 0.26 -10.91
N HIS B 238 15.60 0.44 -10.91
CA HIS B 238 16.42 0.31 -9.71
C HIS B 238 16.57 -1.13 -9.33
N GLY B 239 15.75 -1.64 -8.42
CA GLY B 239 15.81 -3.07 -8.12
C GLY B 239 16.94 -3.51 -7.20
N GLU B 240 17.77 -2.57 -6.73
CA GLU B 240 18.92 -2.93 -5.86
C GLU B 240 18.47 -3.74 -4.67
N HIS B 241 17.35 -3.34 -4.07
CA HIS B 241 16.94 -3.94 -2.82
C HIS B 241 16.40 -5.34 -2.98
N THR B 242 16.39 -5.84 -4.22
CA THR B 242 16.05 -7.24 -4.50
C THR B 242 17.05 -8.20 -3.85
N ILE B 243 18.34 -7.81 -3.83
CA ILE B 243 19.36 -8.67 -3.26
C ILE B 243 19.15 -9.01 -1.76
N GLU B 244 18.33 -8.24 -1.05
CA GLU B 244 17.98 -8.53 0.37
C GLU B 244 17.06 -9.76 0.55
N ASP B 245 16.43 -10.21 -0.52
CA ASP B 245 15.71 -11.48 -0.51
C ASP B 245 16.35 -12.41 -1.52
N GLU B 246 17.13 -13.39 -1.02
CA GLU B 246 17.91 -14.28 -1.89
C GLU B 246 17.01 -15.10 -2.81
N ALA B 247 15.94 -15.65 -2.26
CA ALA B 247 15.03 -16.44 -3.08
C ALA B 247 14.49 -15.55 -4.21
N LEU B 248 14.05 -14.35 -3.85
CA LEU B 248 13.49 -13.47 -4.88
C LEU B 248 14.52 -13.02 -5.93
N TYR B 249 15.71 -12.62 -5.47
CA TYR B 249 16.78 -12.31 -6.39
C TYR B 249 17.07 -13.45 -7.37
N ASN B 250 17.21 -14.68 -6.87
CA ASN B 250 17.48 -15.78 -7.80
C ASN B 250 16.36 -16.09 -8.77
N ARG B 251 15.10 -15.98 -8.33
CA ARG B 251 14.01 -16.14 -9.28
C ARG B 251 14.18 -15.15 -10.44
N LEU B 252 14.37 -13.87 -10.12
CA LEU B 252 14.59 -12.85 -11.15
C LEU B 252 15.82 -13.11 -12.02
N LEU B 253 16.93 -13.50 -11.38
CA LEU B 253 18.18 -13.78 -12.09
C LEU B 253 17.96 -14.86 -13.15
N LYS B 254 17.27 -15.94 -12.77
CA LYS B 254 17.16 -17.05 -13.70
C LYS B 254 16.09 -16.78 -14.75
N GLU B 255 15.14 -15.89 -14.44
CA GLU B 255 14.15 -15.42 -15.43
C GLU B 255 14.76 -14.41 -16.42
N ASN B 256 16.03 -14.03 -16.21
CA ASN B 256 16.65 -12.99 -17.05
C ASN B 256 16.01 -11.58 -16.93
N MET B 257 15.44 -11.28 -15.75
CA MET B 257 14.79 -9.98 -15.51
C MET B 257 15.80 -8.85 -15.75
N HIS B 258 15.37 -7.79 -16.45
CA HIS B 258 16.22 -6.61 -16.59
C HIS B 258 16.06 -5.58 -15.44
N PHE B 259 17.18 -5.22 -14.81
CA PHE B 259 17.32 -4.13 -13.81
C PHE B 259 17.83 -2.82 -14.44
N GLU B 260 17.07 -1.73 -14.31
CA GLU B 260 17.45 -0.43 -14.91
C GLU B 260 18.17 0.32 -13.83
N VAL B 261 19.47 0.08 -13.75
CA VAL B 261 20.31 0.57 -12.64
C VAL B 261 20.74 2.04 -12.81
N CYS B 262 20.62 2.82 -11.73
CA CYS B 262 20.98 4.26 -11.69
C CYS B 262 21.97 4.55 -10.54
N PRO B 263 23.28 4.36 -10.81
CA PRO B 263 24.24 4.35 -9.69
C PRO B 263 24.32 5.69 -8.99
N TRP B 264 24.40 6.79 -9.74
CA TRP B 264 24.61 8.09 -9.07
C TRP B 264 23.33 8.47 -8.34
N SER B 265 22.21 8.20 -8.99
CA SER B 265 20.90 8.48 -8.43
C SER B 265 20.74 7.77 -7.08
N SER B 266 21.32 6.58 -6.95
CA SER B 266 21.05 5.73 -5.78
C SER B 266 21.83 6.24 -4.58
N TYR B 267 22.91 6.97 -4.84
CA TYR B 267 23.63 7.62 -3.77
C TYR B 267 22.81 8.81 -3.23
N LEU B 268 22.28 9.62 -4.14
CA LEU B 268 21.60 10.86 -3.78
C LEU B 268 20.16 10.74 -3.25
N THR B 269 19.46 9.65 -3.58
CA THR B 269 18.14 9.45 -2.98
C THR B 269 18.24 8.72 -1.64
N GLY B 270 19.47 8.44 -1.20
CA GLY B 270 19.73 7.60 -0.03
C GLY B 270 19.42 6.12 -0.21
N ALA B 271 19.06 5.70 -1.42
CA ALA B 271 18.74 4.30 -1.73
C ALA B 271 19.92 3.36 -1.44
N TRP B 272 21.13 3.88 -1.66
CA TRP B 272 22.37 3.14 -1.43
C TRP B 272 23.20 3.77 -0.31
N ASP B 273 23.54 2.94 0.66
CA ASP B 273 24.40 3.32 1.78
C ASP B 273 25.87 3.12 1.39
N PRO B 274 26.60 4.23 1.21
CA PRO B 274 27.93 4.20 0.57
C PRO B 274 29.03 3.54 1.41
N LYS B 275 28.67 3.10 2.62
CA LYS B 275 29.54 2.23 3.42
C LYS B 275 29.37 0.76 3.01
N THR B 276 28.43 0.55 2.09
CA THR B 276 27.96 -0.76 1.64
C THR B 276 28.47 -0.94 0.20
N THR B 277 28.80 -2.17 -0.20
CA THR B 277 29.17 -2.41 -1.59
C THR B 277 27.90 -2.34 -2.45
N HIS B 278 27.90 -1.51 -3.50
CA HIS B 278 26.68 -1.32 -4.34
C HIS B 278 26.16 -2.63 -4.94
N ALA B 279 24.84 -2.77 -5.02
CA ALA B 279 24.27 -4.00 -5.50
C ALA B 279 24.66 -4.32 -6.94
N VAL B 280 25.00 -3.28 -7.72
CA VAL B 280 25.34 -3.48 -9.14
C VAL B 280 26.66 -4.24 -9.25
N VAL B 281 27.49 -4.14 -8.21
CA VAL B 281 28.70 -4.95 -8.14
C VAL B 281 28.31 -6.44 -8.12
N ARG B 282 27.28 -6.77 -7.36
CA ARG B 282 26.76 -8.13 -7.38
C ARG B 282 26.12 -8.44 -8.72
N PHE B 283 25.27 -7.54 -9.23
CA PHE B 283 24.70 -7.74 -10.57
C PHE B 283 25.80 -8.04 -11.61
N LYS B 284 26.84 -7.21 -11.66
CA LYS B 284 28.02 -7.49 -12.51
C LYS B 284 28.63 -8.91 -12.28
N ASN B 285 28.90 -9.25 -11.03
CA ASN B 285 29.54 -10.56 -10.71
C ASN B 285 28.65 -11.75 -11.03
N ASP B 286 27.35 -11.59 -10.87
CA ASP B 286 26.38 -12.62 -11.27
C ASP B 286 26.07 -12.64 -12.76
N LYS B 287 26.71 -11.79 -13.54
CA LYS B 287 26.34 -11.69 -14.97
C LYS B 287 24.85 -11.36 -15.17
N ALA B 288 24.26 -10.52 -14.32
CA ALA B 288 22.84 -10.22 -14.50
C ALA B 288 22.60 -9.32 -15.72
N ASN B 289 21.33 -9.25 -16.12
CA ASN B 289 20.84 -8.37 -17.17
C ASN B 289 20.47 -7.03 -16.52
N TYR B 290 21.26 -6.00 -16.79
CA TYR B 290 21.02 -4.65 -16.28
C TYR B 290 21.69 -3.62 -17.20
N SER B 291 21.20 -2.39 -17.11
CA SER B 291 21.68 -1.24 -17.86
C SER B 291 22.21 -0.19 -16.87
N LEU B 292 22.96 0.79 -17.38
CA LEU B 292 23.38 1.94 -16.59
C LEU B 292 22.68 3.22 -17.11
N ASN B 293 22.13 4.03 -16.19
CA ASN B 293 21.20 5.12 -16.53
C ASN B 293 21.35 6.34 -15.63
N THR B 294 20.96 7.51 -16.12
CA THR B 294 21.17 8.75 -15.31
C THR B 294 20.02 9.06 -14.39
N ASP B 295 18.80 8.66 -14.77
CA ASP B 295 17.60 8.91 -13.95
C ASP B 295 17.07 10.36 -14.02
N ASP B 296 17.65 11.28 -13.25
CA ASP B 296 17.26 12.69 -13.26
C ASP B 296 18.50 13.59 -13.32
N PRO B 297 19.18 13.62 -14.46
CA PRO B 297 20.47 14.32 -14.53
C PRO B 297 20.43 15.83 -14.19
N LEU B 298 19.30 16.50 -14.42
CA LEU B 298 19.11 17.90 -14.00
C LEU B 298 19.24 18.05 -12.49
N ILE B 299 18.57 17.17 -11.75
CA ILE B 299 18.63 17.27 -10.29
C ILE B 299 19.91 16.69 -9.70
N PHE B 300 20.50 15.67 -10.32
CA PHE B 300 21.68 15.05 -9.76
C PHE B 300 22.91 15.75 -10.32
N LYS B 301 22.67 16.74 -11.18
CA LYS B 301 23.78 17.52 -11.75
C LYS B 301 24.82 16.63 -12.45
N SER B 302 24.35 15.70 -13.29
CA SER B 302 25.17 14.62 -13.79
C SER B 302 24.96 14.55 -15.29
N THR B 303 25.73 13.70 -15.96
CA THR B 303 25.50 13.27 -17.35
C THR B 303 25.69 11.75 -17.34
N LEU B 304 25.53 11.06 -18.46
CA LEU B 304 25.64 9.60 -18.42
C LEU B 304 27.08 9.19 -18.03
N ASP B 305 28.06 10.04 -18.37
CA ASP B 305 29.45 9.75 -17.98
C ASP B 305 29.67 9.77 -16.46
N THR B 306 28.85 10.52 -15.74
CA THR B 306 28.92 10.48 -14.27
C THR B 306 28.73 9.05 -13.74
N ASP B 307 27.68 8.38 -14.20
CA ASP B 307 27.41 7.02 -13.80
C ASP B 307 28.48 6.03 -14.23
N TYR B 308 29.00 6.17 -15.43
CA TYR B 308 30.08 5.30 -15.88
C TYR B 308 31.40 5.53 -15.13
N GLN B 309 31.73 6.79 -14.86
CA GLN B 309 32.90 7.10 -14.02
C GLN B 309 32.76 6.51 -12.63
N MET B 310 31.58 6.58 -12.03
CA MET B 310 31.36 6.04 -10.70
C MET B 310 31.62 4.53 -10.66
N THR B 311 31.05 3.80 -11.61
CA THR B 311 31.24 2.34 -11.67
C THR B 311 32.67 1.97 -12.08
N LYS B 312 33.25 2.72 -13.01
CA LYS B 312 34.67 2.52 -13.34
C LYS B 312 35.65 2.74 -12.17
N LYS B 313 35.58 3.93 -11.55
CA LYS B 313 36.51 4.31 -10.48
C LYS B 313 36.31 3.45 -9.24
N ASP B 314 35.05 3.33 -8.82
CA ASP B 314 34.79 2.82 -7.48
C ASP B 314 34.41 1.35 -7.46
N MET B 315 34.22 0.77 -8.63
CA MET B 315 33.60 -0.55 -8.70
C MET B 315 34.29 -1.49 -9.65
N GLY B 316 35.45 -1.08 -10.14
CA GLY B 316 36.24 -1.90 -11.06
C GLY B 316 35.50 -2.33 -12.31
N PHE B 317 34.55 -1.54 -12.81
CA PHE B 317 33.92 -1.85 -14.10
C PHE B 317 34.93 -1.69 -15.25
N THR B 318 34.94 -2.65 -16.17
CA THR B 318 35.82 -2.61 -17.34
C THR B 318 35.05 -2.30 -18.63
N GLU B 319 35.79 -2.01 -19.68
CA GLU B 319 35.20 -1.70 -20.97
C GLU B 319 34.35 -2.88 -21.47
N GLU B 320 34.84 -4.09 -21.22
CA GLU B 320 34.12 -5.30 -21.48
C GLU B 320 32.73 -5.32 -20.85
N GLU B 321 32.66 -5.07 -19.54
CA GLU B 321 31.36 -5.06 -18.87
C GLU B 321 30.51 -3.95 -19.47
N PHE B 322 31.13 -2.82 -19.81
CA PHE B 322 30.36 -1.76 -20.42
C PHE B 322 29.64 -2.22 -21.68
N LYS B 323 30.35 -2.91 -22.56
CA LYS B 323 29.77 -3.47 -23.80
C LYS B 323 28.68 -4.49 -23.52
N ARG B 324 28.94 -5.35 -22.57
CA ARG B 324 27.98 -6.40 -22.17
C ARG B 324 26.65 -5.81 -21.73
N LEU B 325 26.72 -4.82 -20.88
CA LEU B 325 25.49 -4.30 -20.28
C LEU B 325 24.70 -3.45 -21.29
N ASN B 326 25.40 -2.86 -22.24
CA ASN B 326 24.71 -2.11 -23.26
C ASN B 326 24.04 -3.01 -24.30
N ILE B 327 24.69 -4.12 -24.63
CA ILE B 327 24.09 -5.15 -25.47
C ILE B 327 22.85 -5.76 -24.77
N ASN B 328 22.97 -6.04 -23.47
CA ASN B 328 21.79 -6.40 -22.63
C ASN B 328 20.65 -5.37 -22.60
N ALA B 329 21.05 -4.09 -22.51
CA ALA B 329 20.09 -3.00 -22.57
C ALA B 329 19.39 -2.97 -23.91
N ALA B 330 20.13 -3.19 -25.02
CA ALA B 330 19.48 -3.31 -26.33
C ALA B 330 18.47 -4.47 -26.37
N LYS B 331 18.87 -5.65 -25.88
CA LYS B 331 18.02 -6.83 -26.00
C LYS B 331 16.80 -6.63 -25.15
N SER B 332 16.94 -5.85 -24.08
CA SER B 332 15.80 -5.60 -23.17
C SER B 332 14.95 -4.37 -23.48
N SER B 333 15.34 -3.59 -24.49
CA SER B 333 14.52 -2.48 -24.98
C SER B 333 13.13 -2.92 -25.37
N PHE B 334 12.21 -1.97 -25.35
CA PHE B 334 10.85 -2.15 -25.78
C PHE B 334 10.64 -1.86 -27.28
N LEU B 335 11.71 -2.00 -28.08
CA LEU B 335 11.59 -1.98 -29.53
C LEU B 335 10.96 -3.25 -30.13
N PRO B 336 10.16 -3.10 -31.20
CA PRO B 336 9.80 -4.23 -32.06
C PRO B 336 11.05 -4.98 -32.54
N GLU B 337 10.89 -6.27 -32.82
CA GLU B 337 12.04 -7.15 -33.08
C GLU B 337 13.03 -6.65 -34.16
N GLU B 338 12.50 -6.17 -35.27
CA GLU B 338 13.29 -5.72 -36.38
C GLU B 338 14.07 -4.45 -36.06
N GLU B 339 13.50 -3.53 -35.27
CA GLU B 339 14.30 -2.38 -34.83
C GLU B 339 15.33 -2.81 -33.81
N LYS B 340 14.94 -3.73 -32.95
CA LYS B 340 15.88 -4.25 -31.97
C LYS B 340 17.11 -4.85 -32.68
N LYS B 341 16.89 -5.63 -33.72
CA LYS B 341 18.00 -6.15 -34.51
C LYS B 341 18.92 -5.04 -35.10
N GLU B 342 18.30 -4.00 -35.64
CA GLU B 342 19.06 -2.86 -36.19
C GLU B 342 19.94 -2.20 -35.16
N LEU B 343 19.39 -2.03 -33.95
CA LEU B 343 20.17 -1.51 -32.84
C LEU B 343 21.31 -2.43 -32.48
N LEU B 344 21.08 -3.74 -32.43
CA LEU B 344 22.20 -4.65 -32.06
C LEU B 344 23.33 -4.66 -33.09
N GLU B 345 22.91 -4.69 -34.33
CA GLU B 345 23.81 -4.59 -35.43
C GLU B 345 24.71 -3.36 -35.36
N ARG B 346 24.14 -2.21 -35.05
CA ARG B 346 24.91 -0.98 -34.82
C ARG B 346 25.92 -1.07 -33.67
N LEU B 347 25.47 -1.53 -32.52
CA LEU B 347 26.39 -1.70 -31.39
C LEU B 347 27.54 -2.62 -31.76
N TYR B 348 27.18 -3.81 -32.25
CA TYR B 348 28.23 -4.70 -32.72
C TYR B 348 29.26 -4.04 -33.66
N ARG B 349 28.79 -3.36 -34.68
CA ARG B 349 29.67 -2.73 -35.63
C ARG B 349 30.61 -1.71 -34.94
N GLU B 350 30.06 -0.90 -34.05
CA GLU B 350 30.79 0.20 -33.42
C GLU B 350 31.59 -0.27 -32.22
N TYR B 351 31.38 -1.52 -31.81
CA TYR B 351 32.15 -2.12 -30.76
C TYR B 351 33.42 -2.85 -31.29
N GLN B 352 33.46 -3.10 -32.59
CA GLN B 352 34.67 -3.72 -33.19
C GLN B 352 35.92 -2.86 -32.94
C9 9DI C . -16.23 -4.13 22.21
C4 9DI C . -15.88 -5.10 23.21
N3 9DI C . -16.59 -6.11 23.75
C2 9DI C . -15.93 -6.94 24.57
N1 9DI C . -14.60 -6.83 24.78
C6 9DI C . -13.82 -5.88 24.24
O6 9DI C . -12.59 -5.76 24.50
C5 9DI C . -14.44 -4.96 23.30
N7 9DI C . -14.04 -3.91 22.52
C8 9DI C . -15.13 -3.31 21.94
C5' 9DI C . -18.96 -3.08 18.66
O5' 9DI C . -17.60 -3.22 18.22
C4' 9DI C . -18.94 -3.06 20.19
O4' 9DI C . -18.17 -4.15 20.68
C1' 9DI C . -17.65 -3.80 21.97
C2' 9DI C . -17.79 -2.28 22.14
O2' 9DI C . -18.86 -2.03 23.09
C3' 9DI C . -18.18 -1.84 20.75
O3' 9DI C . -19.00 -0.67 20.74
ZN ZN D . -13.28 -7.47 20.60
C9 9DI E . 10.38 10.43 -10.69
C4 9DI E . 10.74 9.43 -9.70
N3 9DI E . 10.00 8.55 -9.01
C2 9DI E . 10.64 7.73 -8.18
N1 9DI E . 11.98 7.74 -8.02
C6 9DI E . 12.77 8.66 -8.59
O6 9DI E . 13.99 8.68 -8.36
C5 9DI E . 12.18 9.58 -9.57
N7 9DI E . 12.58 10.58 -10.39
C8 9DI E . 11.50 11.18 -11.00
C5' 9DI E . 7.72 11.66 -14.24
O5' 9DI E . 9.02 11.50 -14.77
C4' 9DI E . 7.75 11.59 -12.71
O4' 9DI E . 8.52 10.48 -12.22
C1' 9DI E . 8.99 10.80 -10.92
C2' 9DI E . 8.90 12.32 -10.75
O2' 9DI E . 7.89 12.61 -9.77
C3' 9DI E . 8.53 12.79 -12.15
O3' 9DI E . 7.73 13.96 -12.19
ZN ZN F . 13.34 6.95 -12.17
#